data_5VJ5
#
_entry.id   5VJ5
#
_cell.length_a   55.280
_cell.length_b   73.410
_cell.length_c   180.800
_cell.angle_alpha   90.000
_cell.angle_beta   90.000
_cell.angle_gamma   90.000
#
_symmetry.space_group_name_H-M   'P 21 21 21'
#
loop_
_entity.id
_entity.type
_entity.pdbx_description
1 polymer 'Alcohol dehydrogenase E chain'
2 non-polymer 'ZINC ION'
3 non-polymer 1,10-PHENANTHROLINE
4 water water
#
_entity_poly.entity_id   1
_entity_poly.type   'polypeptide(L)'
_entity_poly.pdbx_seq_one_letter_code
;STAGKVIKCKAAVLWEEKKPFSIEEVEVAPPKAHEVRIKMVATGICRSDDHVVSGTLVTPLPVIAGHEAAGIVESIGEGV
TTVRPGDKVIPLFTPQCGKCRVCKHPEGNFCLKNDLSMPRGTMQDGTSRFTCRGKPIHHFLGTSTFSQYTVVDEISVAKI
DAASPLEKVCLIGCGFSTGYGSAVKVAKVTQGSTCAVFGLGGVGLSVIMGCKAAGAARIIGVDINKDKFAKAKEVGATEC
VNPQDYKKPIQEVLTEMSNGGVDFSFEVIGRLDTMVTALSCCQEAYGVSVIVGVPPDSQNLSMNPMLLLSGRTWKGAIFG
GFKSKDSVPKLVADFMAKKFALDPLITHVLPFEKINEGFDLLRSGESIRTILTF
;
_entity_poly.pdbx_strand_id   A,B
#
loop_
_chem_comp.id
_chem_comp.type
_chem_comp.name
_chem_comp.formula
PHN non-polymer 1,10-PHENANTHROLINE 'C12 H8 N2'
ZN non-polymer 'ZINC ION' 'Zn 2'
#
# COMPACT_ATOMS: atom_id res chain seq x y z
N SER A 1 12.38 34.47 -36.37
CA SER A 1 13.07 35.80 -36.14
C SER A 1 13.27 36.14 -34.65
N THR A 2 12.80 35.26 -33.75
CA THR A 2 13.28 35.25 -32.37
C THR A 2 14.19 34.05 -32.09
N ALA A 3 14.21 33.06 -32.99
CA ALA A 3 15.03 31.87 -32.84
C ALA A 3 16.47 32.24 -32.67
N GLY A 4 17.10 31.60 -31.69
CA GLY A 4 18.49 31.79 -31.37
C GLY A 4 18.86 33.08 -30.70
N LYS A 5 17.86 33.91 -30.41
CA LYS A 5 18.12 35.14 -29.74
C LYS A 5 17.38 35.16 -28.44
N VAL A 6 17.90 35.96 -27.53
CA VAL A 6 17.21 36.33 -26.33
C VAL A 6 15.86 36.95 -26.65
N ILE A 7 14.86 36.53 -25.88
CA ILE A 7 13.51 37.13 -25.92
C ILE A 7 13.32 37.91 -24.60
N LYS A 8 12.72 39.09 -24.76
CA LYS A 8 12.38 39.96 -23.64
C LYS A 8 10.90 39.82 -23.45
N CYS A 9 10.42 39.51 -22.26
CA CYS A 9 8.98 39.29 -22.11
C CYS A 9 8.65 39.48 -20.66
N LYS A 10 7.39 39.34 -20.30
CA LYS A 10 6.94 39.50 -18.92
C LYS A 10 6.92 38.15 -18.19
N ALA A 11 7.31 38.14 -16.92
CA ALA A 11 7.02 36.97 -16.10
C ALA A 11 6.64 37.39 -14.73
N ALA A 12 6.10 36.42 -14.01
CA ALA A 12 5.69 36.56 -12.65
C ALA A 12 6.76 36.00 -11.74
N VAL A 13 7.51 36.92 -11.13
CA VAL A 13 8.63 36.57 -10.28
C VAL A 13 8.30 36.63 -8.80
N LEU A 14 8.69 35.57 -8.11
CA LEU A 14 8.59 35.51 -6.68
C LEU A 14 9.97 35.80 -6.17
N TRP A 15 10.20 37.00 -5.65
CA TRP A 15 11.54 37.40 -5.17
C TRP A 15 11.85 36.82 -3.79
N GLU A 16 10.81 36.59 -2.97
CA GLU A 16 10.87 36.21 -1.54
C GLU A 16 9.61 35.49 -1.16
N GLU A 17 9.65 34.78 -0.04
CA GLU A 17 8.55 33.99 0.45
C GLU A 17 7.51 34.90 1.00
N LYS A 18 6.29 34.43 1.00
CA LYS A 18 5.14 35.13 1.58
C LYS A 18 4.92 36.53 1.01
N LYS A 19 5.23 36.70 -0.27
CA LYS A 19 5.07 37.96 -0.97
C LYS A 19 4.17 37.70 -2.14
N PRO A 20 3.55 38.76 -2.67
CA PRO A 20 2.94 38.59 -3.99
C PRO A 20 3.96 38.34 -5.08
N PHE A 21 3.44 37.86 -6.22
CA PHE A 21 4.23 37.72 -7.43
C PHE A 21 4.39 39.10 -7.96
N SER A 22 5.51 39.36 -8.60
CA SER A 22 5.77 40.63 -9.18
C SER A 22 5.91 40.42 -10.69
N ILE A 23 5.11 41.17 -11.45
CA ILE A 23 5.21 41.15 -12.89
C ILE A 23 6.46 41.93 -13.27
N GLU A 24 7.47 41.25 -13.85
CA GLU A 24 8.75 41.84 -14.23
C GLU A 24 9.04 41.60 -15.64
N GLU A 25 9.86 42.47 -16.22
CA GLU A 25 10.42 42.21 -17.55
C GLU A 25 11.56 41.25 -17.35
N VAL A 26 11.61 40.17 -18.11
CA VAL A 26 12.70 39.20 -17.96
C VAL A 26 13.35 38.93 -19.29
N GLU A 27 14.57 38.41 -19.27
CA GLU A 27 15.22 37.93 -20.47
C GLU A 27 15.25 36.40 -20.43
N VAL A 28 14.76 35.82 -21.53
CA VAL A 28 14.63 34.38 -21.62
C VAL A 28 15.63 33.95 -22.66
N ALA A 29 16.65 33.19 -22.25
CA ALA A 29 17.72 32.79 -23.16
C ALA A 29 17.18 31.80 -24.18
N PRO A 30 17.83 31.74 -25.38
CA PRO A 30 17.40 30.74 -26.34
C PRO A 30 17.79 29.32 -25.86
N PRO A 31 17.15 28.30 -26.43
CA PRO A 31 17.32 26.95 -25.94
C PRO A 31 18.66 26.35 -26.33
N LYS A 32 19.44 25.88 -25.36
CA LYS A 32 20.64 25.10 -25.65
C LYS A 32 20.31 23.67 -26.17
N ALA A 33 21.32 22.83 -26.32
CA ALA A 33 21.09 21.48 -26.91
C ALA A 33 20.10 20.72 -26.09
N HIS A 34 19.16 20.09 -26.76
CA HIS A 34 18.10 19.32 -26.11
C HIS A 34 17.14 20.14 -25.22
N GLU A 35 16.98 21.42 -25.55
CA GLU A 35 16.10 22.31 -24.83
C GLU A 35 15.12 22.90 -25.84
N VAL A 36 13.95 23.30 -25.34
CA VAL A 36 12.81 23.73 -26.13
C VAL A 36 12.26 25.06 -25.54
N ARG A 37 12.20 26.11 -26.35
CA ARG A 37 11.56 27.37 -25.89
C ARG A 37 10.09 27.41 -26.27
N ILE A 38 9.21 27.70 -25.31
CA ILE A 38 7.76 27.62 -25.51
C ILE A 38 7.11 28.97 -25.27
N LYS A 39 6.22 29.38 -26.18
CA LYS A 39 5.31 30.49 -25.94
C LYS A 39 4.09 30.04 -25.17
N MET A 40 3.95 30.52 -23.94
CA MET A 40 2.84 30.11 -23.12
C MET A 40 1.52 30.63 -23.63
N VAL A 41 0.51 29.76 -23.69
CA VAL A 41 -0.86 30.18 -23.99
C VAL A 41 -1.77 30.19 -22.78
N ALA A 42 -1.61 29.21 -21.89
CA ALA A 42 -2.34 29.24 -20.63
C ALA A 42 -1.65 28.41 -19.57
N THR A 43 -1.86 28.82 -18.33
CA THR A 43 -1.35 28.12 -17.18
C THR A 43 -2.36 28.18 -16.05
N GLY A 44 -2.53 27.03 -15.39
CA GLY A 44 -3.41 26.95 -14.21
C GLY A 44 -2.70 27.32 -12.92
N ILE A 45 -3.47 27.74 -11.91
CA ILE A 45 -2.95 27.96 -10.60
C ILE A 45 -3.22 26.76 -9.70
N CYS A 46 -2.12 26.10 -9.29
CA CYS A 46 -2.15 24.86 -8.49
C CYS A 46 -1.69 25.09 -7.05
N ARG A 47 -2.21 24.25 -6.14
CA ARG A 47 -1.82 24.28 -4.75
C ARG A 47 -0.32 24.29 -4.57
N SER A 48 0.39 23.48 -5.35
CA SER A 48 1.83 23.37 -5.16
C SER A 48 2.60 24.66 -5.53
N ASP A 49 2.05 25.47 -6.43
CA ASP A 49 2.59 26.81 -6.75
C ASP A 49 2.50 27.73 -5.51
N ASP A 50 1.35 27.66 -4.84
CA ASP A 50 1.15 28.40 -3.59
C ASP A 50 2.05 27.90 -2.43
N HIS A 51 2.33 26.61 -2.38
CA HIS A 51 3.33 26.10 -1.43
C HIS A 51 4.68 26.67 -1.61
N VAL A 52 5.05 27.00 -2.84
CA VAL A 52 6.34 27.69 -3.06
C VAL A 52 6.31 29.06 -2.37
N VAL A 53 5.17 29.74 -2.49
CA VAL A 53 5.02 31.05 -1.87
C VAL A 53 5.18 30.95 -0.36
N SER A 54 4.55 29.96 0.28
CA SER A 54 4.55 29.97 1.75
C SER A 54 5.75 29.27 2.38
N GLY A 55 6.80 28.98 1.60
CA GLY A 55 7.94 28.20 2.09
C GLY A 55 7.70 26.72 2.41
N THR A 56 6.49 26.24 2.11
CA THR A 56 6.02 24.89 2.36
C THR A 56 6.68 23.92 1.37
N LEU A 57 6.81 24.36 0.09
CA LEU A 57 7.58 23.65 -0.92
C LEU A 57 8.92 24.40 -1.04
N VAL A 58 9.98 23.77 -0.53
CA VAL A 58 11.29 24.44 -0.54
C VAL A 58 11.96 24.31 -1.91
N THR A 59 12.29 25.44 -2.50
CA THR A 59 12.87 25.48 -3.84
C THR A 59 13.60 26.83 -3.85
N PRO A 60 14.73 26.93 -4.56
CA PRO A 60 15.50 28.17 -4.56
C PRO A 60 14.74 29.35 -5.11
N LEU A 61 14.96 30.50 -4.48
CA LEU A 61 14.39 31.79 -4.86
C LEU A 61 15.51 32.78 -5.14
N PRO A 62 15.24 33.87 -5.90
CA PRO A 62 13.99 34.08 -6.62
C PRO A 62 13.65 33.02 -7.67
N VAL A 63 12.39 32.85 -8.01
CA VAL A 63 11.93 31.80 -8.89
C VAL A 63 10.76 32.28 -9.74
N ILE A 64 10.68 31.75 -10.95
CA ILE A 64 9.45 31.76 -11.77
C ILE A 64 8.84 30.38 -11.58
N ALA A 65 7.67 30.37 -10.94
CA ALA A 65 7.00 29.16 -10.56
C ALA A 65 6.03 28.82 -11.67
N GLY A 66 5.01 28.05 -11.36
CA GLY A 66 4.10 27.57 -12.41
C GLY A 66 4.54 26.26 -13.00
N HIS A 67 3.61 25.35 -13.08
CA HIS A 67 3.91 24.04 -13.62
C HIS A 67 2.74 23.35 -14.32
N GLU A 68 1.52 23.91 -14.22
CA GLU A 68 0.40 23.40 -14.99
C GLU A 68 0.11 24.33 -16.21
N ALA A 69 0.43 23.89 -17.44
CA ALA A 69 0.38 24.81 -18.60
C ALA A 69 0.36 24.13 -19.94
N ALA A 70 -0.02 24.91 -20.94
CA ALA A 70 0.14 24.57 -22.35
C ALA A 70 0.54 25.82 -23.19
N GLY A 71 1.35 25.59 -24.21
CA GLY A 71 1.75 26.64 -25.17
C GLY A 71 2.23 26.05 -26.49
N ILE A 72 2.99 26.86 -27.22
CA ILE A 72 3.31 26.59 -28.60
C ILE A 72 4.77 26.69 -28.69
N VAL A 73 5.44 25.75 -29.36
CA VAL A 73 6.92 25.82 -29.43
C VAL A 73 7.41 27.05 -30.25
N GLU A 74 8.36 27.86 -29.77
CA GLU A 74 8.83 28.91 -30.64
C GLU A 74 10.12 28.53 -31.23
N SER A 75 10.97 27.79 -30.52
CA SER A 75 12.22 27.24 -31.13
C SER A 75 12.77 26.01 -30.38
N ILE A 76 13.59 25.23 -31.06
CA ILE A 76 14.16 24.03 -30.46
C ILE A 76 15.66 24.20 -30.54
N GLY A 77 16.35 23.84 -29.48
CA GLY A 77 17.80 23.73 -29.53
C GLY A 77 18.21 22.55 -30.40
N GLU A 78 19.52 22.42 -30.65
CA GLU A 78 20.03 21.32 -31.45
C GLU A 78 19.89 20.00 -30.77
N GLY A 79 19.49 19.01 -31.55
CA GLY A 79 19.34 17.66 -31.05
C GLY A 79 17.91 17.31 -30.72
N VAL A 80 17.04 18.31 -30.62
CA VAL A 80 15.66 18.06 -30.23
C VAL A 80 15.01 17.33 -31.37
N THR A 81 14.37 16.22 -31.05
CA THR A 81 13.70 15.36 -32.03
C THR A 81 12.20 15.16 -31.81
N THR A 82 11.62 15.63 -30.71
CA THR A 82 10.28 15.21 -30.33
C THR A 82 9.16 16.25 -30.50
N VAL A 83 9.58 17.49 -30.69
CA VAL A 83 8.70 18.62 -30.91
C VAL A 83 9.37 19.51 -31.96
N ARG A 84 8.59 20.24 -32.76
CA ARG A 84 9.09 21.23 -33.76
C ARG A 84 8.45 22.60 -33.47
N PRO A 85 9.14 23.74 -33.83
CA PRO A 85 8.49 25.07 -33.75
C PRO A 85 7.12 24.96 -34.34
N GLY A 86 6.13 25.58 -33.71
CA GLY A 86 4.74 25.47 -34.14
C GLY A 86 3.88 24.47 -33.40
N ASP A 87 4.46 23.37 -32.90
CA ASP A 87 3.69 22.37 -32.13
C ASP A 87 3.09 22.92 -30.85
N LYS A 88 1.88 22.44 -30.56
CA LYS A 88 1.27 22.58 -29.26
C LYS A 88 1.86 21.57 -28.32
N VAL A 89 2.23 22.05 -27.13
CA VAL A 89 2.95 21.26 -26.15
C VAL A 89 2.43 21.50 -24.74
N ILE A 90 2.65 20.51 -23.85
CA ILE A 90 2.47 20.63 -22.37
C ILE A 90 3.81 20.35 -21.66
N PRO A 91 4.30 21.33 -20.86
CA PRO A 91 5.40 21.03 -20.00
C PRO A 91 5.07 19.88 -19.02
N LEU A 92 6.08 19.09 -18.71
CA LEU A 92 5.98 17.95 -17.81
C LEU A 92 6.77 18.22 -16.51
N PHE A 93 6.05 18.58 -15.44
CA PHE A 93 6.75 18.87 -14.15
C PHE A 93 7.47 17.65 -13.54
N THR A 94 6.92 16.47 -13.78
CA THR A 94 7.64 15.19 -13.71
C THR A 94 8.09 14.82 -15.13
N PRO A 95 9.40 14.80 -15.42
CA PRO A 95 10.01 14.33 -16.68
C PRO A 95 9.81 12.84 -16.96
N GLN A 96 10.08 12.45 -18.19
CA GLN A 96 10.27 11.03 -18.53
C GLN A 96 11.49 10.92 -19.36
N CYS A 97 12.65 10.76 -18.73
CA CYS A 97 13.90 10.63 -19.47
C CYS A 97 13.94 9.35 -20.33
N GLY A 98 13.13 8.35 -19.95
CA GLY A 98 13.13 7.07 -20.62
C GLY A 98 14.36 6.21 -20.33
N LYS A 99 15.31 6.66 -19.53
CA LYS A 99 16.55 5.93 -19.32
C LYS A 99 16.81 5.40 -17.92
N CYS A 100 16.24 6.02 -16.89
CA CYS A 100 16.55 5.64 -15.55
C CYS A 100 15.72 4.38 -15.15
N ARG A 101 16.03 3.84 -13.98
CA ARG A 101 15.39 2.59 -13.57
C ARG A 101 13.89 2.84 -13.38
N VAL A 102 13.51 4.08 -13.03
CA VAL A 102 12.08 4.40 -12.86
C VAL A 102 11.35 4.44 -14.19
N CYS A 103 11.93 5.13 -15.18
CA CYS A 103 11.28 5.25 -16.50
C CYS A 103 11.17 3.82 -17.14
N LYS A 104 12.24 3.02 -16.97
CA LYS A 104 12.25 1.60 -17.41
C LYS A 104 11.28 0.68 -16.66
N HIS A 105 10.92 1.00 -15.43
CA HIS A 105 9.95 0.24 -14.63
C HIS A 105 8.47 0.37 -15.10
N PRO A 106 7.80 -0.77 -15.30
CA PRO A 106 6.41 -0.80 -15.77
C PRO A 106 5.41 0.02 -14.97
N GLU A 107 5.66 0.15 -13.67
CA GLU A 107 4.79 0.90 -12.77
C GLU A 107 5.22 2.34 -12.50
N GLY A 108 6.51 2.55 -12.26
CA GLY A 108 7.01 3.84 -11.79
C GLY A 108 6.93 4.98 -12.80
N ASN A 109 6.79 6.19 -12.28
CA ASN A 109 6.76 7.40 -13.10
C ASN A 109 7.57 8.57 -12.54
N PHE A 110 7.93 8.52 -11.25
CA PHE A 110 8.73 9.54 -10.63
C PHE A 110 10.19 9.44 -11.13
N CYS A 111 10.39 9.91 -12.35
CA CYS A 111 11.67 9.94 -13.05
C CYS A 111 12.76 10.52 -12.21
N LEU A 112 13.89 9.85 -12.12
CA LEU A 112 14.96 10.32 -11.21
C LEU A 112 15.59 11.63 -11.65
N LYS A 113 15.28 12.08 -12.85
CA LYS A 113 15.70 13.42 -13.29
C LYS A 113 14.78 14.55 -12.74
N ASN A 114 13.75 14.24 -11.95
CA ASN A 114 12.86 15.24 -11.40
C ASN A 114 13.62 16.28 -10.58
N ASP A 115 13.07 17.49 -10.46
CA ASP A 115 13.63 18.55 -9.59
C ASP A 115 12.76 18.74 -8.34
N LEU A 116 11.97 17.75 -7.97
CA LEU A 116 11.00 17.86 -6.89
C LEU A 116 11.58 17.33 -5.58
N SER A 117 12.25 16.17 -5.64
CA SER A 117 12.90 15.57 -4.47
C SER A 117 13.90 16.49 -3.79
N MET A 118 14.91 16.93 -4.52
CA MET A 118 15.92 17.83 -4.02
C MET A 118 16.03 19.01 -5.01
N PRO A 119 15.09 19.96 -4.95
CA PRO A 119 15.06 21.07 -5.90
C PRO A 119 16.35 21.85 -6.09
N ARG A 120 16.92 21.82 -7.30
CA ARG A 120 17.99 22.77 -7.69
C ARG A 120 17.44 24.11 -8.30
N GLY A 121 16.28 24.03 -8.96
CA GLY A 121 15.71 25.19 -9.60
C GLY A 121 16.55 25.62 -10.77
N THR A 122 16.97 24.65 -11.59
CA THR A 122 17.74 24.91 -12.80
C THR A 122 17.23 24.06 -13.91
N MET A 123 17.76 24.30 -15.10
CA MET A 123 17.65 23.34 -16.20
C MET A 123 18.46 22.07 -15.83
N GLN A 124 18.37 21.02 -16.64
CA GLN A 124 19.07 19.77 -16.33
C GLN A 124 20.58 20.00 -16.28
N ASP A 125 21.09 20.96 -17.06
CA ASP A 125 22.52 21.26 -17.03
C ASP A 125 22.92 22.12 -15.85
N GLY A 126 22.07 22.27 -14.84
CA GLY A 126 22.43 23.05 -13.67
C GLY A 126 22.51 24.56 -13.86
N THR A 127 22.02 25.08 -14.99
CA THR A 127 21.96 26.54 -15.26
C THR A 127 20.52 27.07 -15.45
N SER A 128 20.36 28.39 -15.40
CA SER A 128 19.12 29.07 -15.69
C SER A 128 19.12 29.85 -16.98
N ARG A 129 17.95 29.91 -17.62
CA ARG A 129 17.77 30.59 -18.88
C ARG A 129 17.10 31.93 -18.59
N PHE A 130 16.88 32.25 -17.30
CA PHE A 130 16.18 33.46 -16.93
C PHE A 130 17.08 34.46 -16.27
N THR A 131 16.93 35.71 -16.72
CA THR A 131 17.40 36.86 -15.95
C THR A 131 16.37 37.97 -15.85
N CYS A 132 16.43 38.73 -14.76
CA CYS A 132 15.62 39.91 -14.56
C CYS A 132 16.56 41.05 -14.22
N ARG A 133 16.83 41.90 -15.22
CA ARG A 133 17.86 42.94 -15.11
C ARG A 133 19.25 42.41 -14.79
N GLY A 134 19.65 41.38 -15.55
CA GLY A 134 20.91 40.63 -15.32
C GLY A 134 20.97 39.63 -14.15
N LYS A 135 20.06 39.77 -13.18
CA LYS A 135 19.99 38.88 -12.05
C LYS A 135 19.41 37.52 -12.47
N PRO A 136 20.15 36.44 -12.17
CA PRO A 136 19.59 35.11 -12.42
C PRO A 136 18.33 34.83 -11.61
N ILE A 137 17.35 34.25 -12.26
CA ILE A 137 16.13 33.75 -11.65
C ILE A 137 16.05 32.24 -11.82
N HIS A 138 15.69 31.55 -10.74
CA HIS A 138 15.58 30.09 -10.78
C HIS A 138 14.38 29.60 -11.57
N HIS A 139 14.55 28.41 -12.13
CA HIS A 139 13.46 27.57 -12.65
C HIS A 139 12.67 26.88 -11.54
N PHE A 140 11.54 26.32 -11.91
CA PHE A 140 10.70 25.56 -10.97
C PHE A 140 10.24 24.31 -11.63
N LEU A 141 10.62 23.18 -11.02
CA LEU A 141 10.23 21.86 -11.50
C LEU A 141 10.51 21.67 -13.01
N GLY A 142 11.57 22.32 -13.50
CA GLY A 142 11.88 22.27 -14.93
C GLY A 142 10.83 22.83 -15.89
N THR A 143 9.81 23.52 -15.38
CA THR A 143 8.72 24.00 -16.23
C THR A 143 8.70 25.56 -16.25
N SER A 144 8.50 26.16 -15.08
CA SER A 144 8.43 27.64 -14.92
C SER A 144 7.39 28.27 -15.87
N THR A 145 6.11 28.03 -15.59
CA THR A 145 5.09 28.38 -16.55
C THR A 145 4.45 29.75 -16.36
N PHE A 146 4.85 30.48 -15.32
CA PHE A 146 4.33 31.81 -15.04
C PHE A 146 5.18 32.84 -15.77
N SER A 147 5.38 32.62 -17.06
CA SER A 147 6.18 33.48 -17.93
C SER A 147 5.54 33.47 -19.30
N GLN A 148 5.67 34.55 -20.05
CA GLN A 148 5.22 34.51 -21.45
C GLN A 148 5.96 33.47 -22.28
N TYR A 149 7.25 33.38 -22.01
CA TYR A 149 8.11 32.34 -22.54
C TYR A 149 8.88 31.59 -21.44
N THR A 150 9.01 30.28 -21.65
CA THR A 150 9.90 29.42 -20.85
C THR A 150 10.76 28.53 -21.74
N VAL A 151 11.84 28.02 -21.17
CA VAL A 151 12.70 26.99 -21.78
C VAL A 151 12.66 25.75 -20.90
N VAL A 152 12.45 24.61 -21.52
CA VAL A 152 12.37 23.35 -20.77
C VAL A 152 13.32 22.35 -21.42
N ASP A 153 13.83 21.43 -20.62
CA ASP A 153 14.59 20.29 -21.14
C ASP A 153 13.62 19.42 -21.95
N GLU A 154 14.10 18.83 -23.01
CA GLU A 154 13.23 18.00 -23.89
C GLU A 154 12.46 16.84 -23.16
N ILE A 155 13.13 16.23 -22.20
CA ILE A 155 12.51 15.21 -21.34
C ILE A 155 11.32 15.71 -20.54
N SER A 156 11.22 17.06 -20.38
CA SER A 156 10.14 17.68 -19.65
C SER A 156 9.12 18.35 -20.56
N VAL A 157 8.86 17.82 -21.75
CA VAL A 157 7.82 18.38 -22.66
C VAL A 157 7.23 17.31 -23.56
N ALA A 158 5.93 17.45 -23.86
CA ALA A 158 5.23 16.53 -24.71
C ALA A 158 4.41 17.27 -25.74
N LYS A 159 4.46 16.75 -26.97
CA LYS A 159 3.66 17.22 -28.11
C LYS A 159 2.25 16.70 -28.00
N ILE A 160 1.29 17.58 -28.23
CA ILE A 160 -0.12 17.26 -28.05
C ILE A 160 -0.85 17.61 -29.36
N ASP A 161 -2.13 17.25 -29.45
CA ASP A 161 -2.96 17.43 -30.64
C ASP A 161 -2.87 18.88 -31.15
N ALA A 162 -2.52 19.06 -32.41
CA ALA A 162 -2.38 20.39 -33.02
C ALA A 162 -3.69 21.17 -32.99
N ALA A 163 -4.82 20.53 -32.75
CA ALA A 163 -6.13 21.20 -32.66
C ALA A 163 -6.69 21.32 -31.24
N SER A 164 -5.89 21.05 -30.21
CA SER A 164 -6.38 21.15 -28.82
C SER A 164 -6.50 22.59 -28.40
N PRO A 165 -7.55 22.92 -27.58
CA PRO A 165 -7.75 24.22 -26.95
C PRO A 165 -6.89 24.36 -25.70
N LEU A 166 -5.82 25.13 -25.80
CA LEU A 166 -4.78 25.16 -24.81
C LEU A 166 -5.24 25.74 -23.48
N GLU A 167 -6.23 26.62 -23.52
CA GLU A 167 -6.86 27.12 -22.31
C GLU A 167 -7.59 26.05 -21.47
N LYS A 168 -7.85 24.88 -22.05
CA LYS A 168 -8.50 23.78 -21.35
C LYS A 168 -7.56 22.65 -21.05
N VAL A 169 -6.84 22.20 -22.05
CA VAL A 169 -5.92 21.06 -21.89
C VAL A 169 -4.68 21.35 -21.00
N CYS A 170 -4.42 22.63 -20.70
CA CYS A 170 -3.45 22.99 -19.71
C CYS A 170 -3.63 22.23 -18.37
N LEU A 171 -4.89 22.03 -17.95
CA LEU A 171 -5.25 21.11 -16.79
C LEU A 171 -4.59 19.73 -16.76
N ILE A 172 -4.22 19.23 -17.94
CA ILE A 172 -3.62 17.92 -18.09
C ILE A 172 -2.15 17.96 -17.65
N GLY A 173 -1.59 19.16 -17.54
CA GLY A 173 -0.27 19.38 -16.98
C GLY A 173 -0.17 19.16 -15.47
N CYS A 174 -1.27 19.21 -14.73
CA CYS A 174 -1.23 18.79 -13.33
C CYS A 174 -2.52 18.29 -12.78
N GLY A 175 -3.46 19.22 -12.53
CA GLY A 175 -4.59 19.01 -11.64
C GLY A 175 -5.47 17.84 -12.06
N PHE A 176 -5.86 17.86 -13.33
CA PHE A 176 -6.67 16.80 -13.90
C PHE A 176 -5.98 15.44 -13.93
N SER A 177 -4.79 15.37 -14.54
CA SER A 177 -4.01 14.15 -14.64
C SER A 177 -3.75 13.51 -13.26
N THR A 178 -3.54 14.37 -12.26
CA THR A 178 -3.18 13.95 -10.90
C THR A 178 -4.36 13.23 -10.24
N GLY A 179 -5.55 13.83 -10.30
CA GLY A 179 -6.74 13.20 -9.72
C GLY A 179 -7.20 12.01 -10.53
N TYR A 180 -7.37 12.22 -11.83
CA TYR A 180 -7.82 11.19 -12.72
C TYR A 180 -6.93 9.97 -12.69
N GLY A 181 -5.61 10.14 -12.82
CA GLY A 181 -4.65 9.06 -12.74
C GLY A 181 -4.68 8.27 -11.42
N SER A 182 -4.85 9.00 -10.31
CA SER A 182 -4.97 8.36 -8.99
C SER A 182 -6.02 7.25 -8.98
N ALA A 183 -7.19 7.55 -9.55
CA ALA A 183 -8.29 6.58 -9.69
C ALA A 183 -7.94 5.48 -10.71
N VAL A 184 -7.75 5.92 -11.94
CA VAL A 184 -7.61 5.05 -13.11
C VAL A 184 -6.33 4.24 -13.13
N LYS A 185 -5.23 4.84 -12.69
CA LYS A 185 -3.86 4.24 -12.83
C LYS A 185 -3.18 3.75 -11.54
N VAL A 186 -3.35 4.51 -10.46
CA VAL A 186 -2.78 4.17 -9.16
C VAL A 186 -3.73 3.23 -8.40
N ALA A 187 -4.96 3.63 -8.13
CA ALA A 187 -5.90 2.74 -7.46
C ALA A 187 -6.40 1.62 -8.35
N LYS A 188 -6.48 1.90 -9.66
CA LYS A 188 -7.09 1.02 -10.64
C LYS A 188 -8.50 0.59 -10.22
N VAL A 189 -9.35 1.60 -10.14
CA VAL A 189 -10.75 1.45 -9.70
C VAL A 189 -11.43 0.49 -10.65
N THR A 190 -12.23 -0.40 -10.06
CA THR A 190 -12.92 -1.44 -10.80
C THR A 190 -14.42 -1.12 -10.89
N GLN A 191 -15.02 -1.65 -11.94
CA GLN A 191 -16.46 -1.60 -12.20
C GLN A 191 -17.20 -2.20 -11.06
N GLY A 192 -18.25 -1.51 -10.60
CA GLY A 192 -19.10 -2.00 -9.57
C GLY A 192 -18.70 -1.44 -8.22
N SER A 193 -17.45 -0.96 -8.09
CA SER A 193 -16.89 -0.56 -6.81
C SER A 193 -17.56 0.67 -6.17
N THR A 194 -17.27 0.79 -4.88
CA THR A 194 -17.62 1.87 -4.01
C THR A 194 -16.34 2.66 -3.67
N CYS A 195 -16.34 3.92 -4.04
CA CYS A 195 -15.18 4.79 -3.87
C CYS A 195 -15.59 5.88 -2.88
N ALA A 196 -14.61 6.35 -2.11
CA ALA A 196 -14.74 7.52 -1.22
C ALA A 196 -13.63 8.55 -1.51
N VAL A 197 -14.00 9.81 -1.76
CA VAL A 197 -13.07 10.88 -2.11
C VAL A 197 -13.09 11.99 -1.06
N PHE A 198 -11.98 12.17 -0.35
CA PHE A 198 -11.86 13.19 0.73
C PHE A 198 -11.21 14.40 0.11
N GLY A 199 -11.97 15.49 -0.06
CA GLY A 199 -11.54 16.68 -0.87
C GLY A 199 -12.24 16.78 -2.20
N LEU A 200 -13.08 17.82 -2.35
CA LEU A 200 -13.84 18.09 -3.58
C LEU A 200 -13.48 19.43 -4.32
N GLY A 201 -12.27 19.90 -4.16
CA GLY A 201 -11.65 20.84 -5.12
C GLY A 201 -11.30 20.14 -6.43
N GLY A 202 -10.55 20.83 -7.24
CA GLY A 202 -10.35 20.43 -8.62
C GLY A 202 -9.73 19.06 -8.78
N VAL A 203 -8.78 18.75 -7.89
CA VAL A 203 -8.11 17.46 -7.96
C VAL A 203 -9.14 16.38 -7.51
N GLY A 204 -9.93 16.67 -6.49
CA GLY A 204 -10.94 15.70 -6.05
C GLY A 204 -11.96 15.38 -7.12
N LEU A 205 -12.32 16.41 -7.87
CA LEU A 205 -13.32 16.25 -8.91
C LEU A 205 -12.74 15.40 -10.00
N SER A 206 -11.48 15.66 -10.31
CA SER A 206 -10.72 14.82 -11.23
C SER A 206 -10.61 13.31 -10.81
N VAL A 207 -10.49 13.07 -9.51
CA VAL A 207 -10.54 11.69 -8.97
C VAL A 207 -11.95 11.09 -9.24
N ILE A 208 -12.99 11.88 -8.96
CA ILE A 208 -14.35 11.45 -9.18
C ILE A 208 -14.60 11.10 -10.62
N MET A 209 -14.07 11.93 -11.53
CA MET A 209 -14.18 11.68 -12.95
C MET A 209 -13.52 10.37 -13.33
N GLY A 210 -12.35 10.09 -12.74
CA GLY A 210 -11.62 8.84 -12.97
C GLY A 210 -12.38 7.60 -12.47
N CYS A 211 -12.97 7.74 -11.28
CA CYS A 211 -13.81 6.70 -10.69
C CYS A 211 -15.02 6.41 -11.58
N LYS A 212 -15.66 7.47 -12.10
CA LYS A 212 -16.77 7.32 -13.05
C LYS A 212 -16.30 6.72 -14.34
N ALA A 213 -15.19 7.20 -14.87
CA ALA A 213 -14.63 6.57 -16.08
C ALA A 213 -14.32 5.07 -15.91
N ALA A 214 -13.96 4.67 -14.68
CA ALA A 214 -13.64 3.29 -14.34
C ALA A 214 -14.87 2.43 -14.10
N GLY A 215 -16.02 3.05 -13.93
CA GLY A 215 -17.30 2.29 -13.87
C GLY A 215 -17.74 1.96 -12.46
N ALA A 216 -17.32 2.81 -11.53
CA ALA A 216 -17.65 2.69 -10.15
C ALA A 216 -19.15 2.79 -9.97
N ALA A 217 -19.70 1.96 -9.09
CA ALA A 217 -21.11 1.95 -8.81
C ALA A 217 -21.47 3.08 -7.83
N ARG A 218 -20.61 3.30 -6.83
CA ARG A 218 -20.82 4.38 -5.86
C ARG A 218 -19.54 5.20 -5.75
N ILE A 219 -19.73 6.51 -5.77
CA ILE A 219 -18.64 7.49 -5.59
C ILE A 219 -19.11 8.42 -4.50
N ILE A 220 -18.56 8.26 -3.30
CA ILE A 220 -18.93 9.08 -2.15
C ILE A 220 -17.96 10.26 -1.94
N GLY A 221 -18.42 11.46 -2.30
CA GLY A 221 -17.69 12.69 -2.01
C GLY A 221 -17.70 13.14 -0.54
N VAL A 222 -16.55 13.53 0.00
CA VAL A 222 -16.48 13.96 1.40
C VAL A 222 -15.82 15.34 1.52
N ASP A 223 -16.51 16.30 2.09
CA ASP A 223 -15.98 17.63 2.28
C ASP A 223 -16.80 18.35 3.34
N ILE A 224 -16.14 19.21 4.11
CA ILE A 224 -16.84 20.06 5.11
C ILE A 224 -17.52 21.30 4.52
N ASN A 225 -17.16 21.69 3.29
CA ASN A 225 -17.84 22.73 2.56
C ASN A 225 -18.92 22.16 1.66
N LYS A 226 -20.16 22.27 2.10
CA LYS A 226 -21.25 21.67 1.37
C LYS A 226 -21.47 22.35 0.00
N ASP A 227 -20.95 23.56 -0.19
CA ASP A 227 -21.08 24.25 -1.49
C ASP A 227 -20.28 23.62 -2.59
N LYS A 228 -19.32 22.77 -2.23
CA LYS A 228 -18.63 21.90 -3.20
C LYS A 228 -19.46 20.69 -3.73
N PHE A 229 -20.61 20.36 -3.13
CA PHE A 229 -21.35 19.09 -3.48
C PHE A 229 -21.99 19.00 -4.90
N ALA A 230 -22.64 20.07 -5.36
CA ALA A 230 -23.37 20.04 -6.63
C ALA A 230 -22.46 19.74 -7.77
N LYS A 231 -21.33 20.42 -7.77
CA LYS A 231 -20.34 20.14 -8.78
C LYS A 231 -19.78 18.70 -8.70
N ALA A 232 -19.48 18.22 -7.49
CA ALA A 232 -19.07 16.82 -7.31
C ALA A 232 -20.09 15.87 -7.92
N LYS A 233 -21.38 16.14 -7.63
CA LYS A 233 -22.45 15.30 -8.16
C LYS A 233 -22.52 15.40 -9.66
N GLU A 234 -22.38 16.62 -10.14
CA GLU A 234 -22.37 16.86 -11.55
C GLU A 234 -21.31 16.05 -12.26
N VAL A 235 -20.08 15.95 -11.71
CA VAL A 235 -19.04 15.16 -12.44
C VAL A 235 -19.02 13.64 -12.16
N GLY A 236 -19.94 13.15 -11.31
CA GLY A 236 -20.07 11.71 -11.09
C GLY A 236 -20.34 11.18 -9.73
N ALA A 237 -20.17 12.02 -8.70
CA ALA A 237 -20.43 11.62 -7.33
C ALA A 237 -21.90 11.20 -7.09
N THR A 238 -22.08 10.00 -6.49
CA THR A 238 -23.39 9.48 -6.13
C THR A 238 -23.93 10.10 -4.86
N GLU A 239 -23.07 10.44 -3.90
CA GLU A 239 -23.53 11.01 -2.61
C GLU A 239 -22.47 11.93 -2.10
N CYS A 240 -22.81 12.86 -1.24
CA CYS A 240 -21.86 13.66 -0.54
C CYS A 240 -22.08 13.70 0.94
N VAL A 241 -21.00 13.71 1.68
CA VAL A 241 -21.08 13.69 3.12
C VAL A 241 -20.24 14.80 3.73
N ASN A 242 -20.86 15.57 4.60
CA ASN A 242 -20.16 16.58 5.42
C ASN A 242 -19.96 16.12 6.86
N PRO A 243 -18.71 15.82 7.25
CA PRO A 243 -18.45 15.29 8.59
C PRO A 243 -18.99 16.14 9.74
N GLN A 244 -19.14 17.44 9.51
CA GLN A 244 -19.63 18.35 10.56
C GLN A 244 -21.09 18.17 10.88
N ASP A 245 -21.81 17.52 9.96
CA ASP A 245 -23.18 17.08 10.17
C ASP A 245 -23.34 15.88 11.12
N TYR A 246 -22.27 15.14 11.38
CA TYR A 246 -22.33 13.87 12.12
C TYR A 246 -21.79 13.94 13.55
N LYS A 247 -22.34 13.11 14.43
CA LYS A 247 -21.85 12.98 15.80
C LYS A 247 -20.77 11.91 15.98
N LYS A 248 -20.60 11.07 14.99
CA LYS A 248 -19.78 9.89 15.13
C LYS A 248 -18.61 10.06 14.17
N PRO A 249 -17.44 9.45 14.46
CA PRO A 249 -16.30 9.59 13.54
C PRO A 249 -16.63 9.19 12.09
N ILE A 250 -16.10 9.94 11.16
CA ILE A 250 -16.44 9.80 9.77
C ILE A 250 -16.12 8.45 9.10
N GLN A 251 -15.05 7.75 9.52
CA GLN A 251 -14.80 6.45 8.90
C GLN A 251 -15.87 5.42 9.31
N GLU A 252 -16.39 5.59 10.52
CA GLU A 252 -17.52 4.79 11.04
C GLU A 252 -18.82 4.96 10.18
N VAL A 253 -19.16 6.21 9.91
CA VAL A 253 -20.25 6.58 9.00
C VAL A 253 -20.05 5.96 7.60
N LEU A 254 -18.81 6.07 7.10
CA LEU A 254 -18.45 5.53 5.77
C LEU A 254 -18.38 4.00 5.77
N THR A 255 -17.97 3.42 6.88
CA THR A 255 -17.98 1.95 6.98
C THR A 255 -19.44 1.43 6.96
N GLU A 256 -20.30 2.02 7.77
CA GLU A 256 -21.72 1.67 7.79
C GLU A 256 -22.33 1.87 6.45
N MET A 257 -22.14 3.06 5.86
CA MET A 257 -22.66 3.34 4.51
C MET A 257 -22.26 2.33 3.48
N SER A 258 -21.08 1.78 3.59
CA SER A 258 -20.58 0.90 2.54
C SER A 258 -20.74 -0.55 2.91
N ASN A 259 -21.49 -0.84 3.99
CA ASN A 259 -21.65 -2.20 4.53
C ASN A 259 -20.28 -2.90 4.77
N GLY A 260 -19.47 -2.23 5.57
CA GLY A 260 -18.24 -2.75 6.03
C GLY A 260 -16.99 -2.30 5.31
N GLY A 261 -17.04 -1.19 4.58
CA GLY A 261 -15.86 -0.54 4.10
C GLY A 261 -15.85 -0.39 2.61
N VAL A 262 -15.22 0.68 2.09
CA VAL A 262 -15.23 1.01 0.68
C VAL A 262 -14.15 0.24 0.00
N ASP A 263 -14.27 0.15 -1.32
CA ASP A 263 -13.23 -0.49 -2.10
C ASP A 263 -12.00 0.41 -2.27
N PHE A 264 -12.21 1.69 -2.50
CA PHE A 264 -11.10 2.56 -2.79
C PHE A 264 -11.37 3.86 -2.14
N SER A 265 -10.42 4.37 -1.40
CA SER A 265 -10.51 5.68 -0.83
C SER A 265 -9.34 6.58 -1.31
N PHE A 266 -9.58 7.88 -1.28
CA PHE A 266 -8.62 8.82 -1.82
C PHE A 266 -8.65 10.02 -0.92
N GLU A 267 -7.47 10.42 -0.52
CA GLU A 267 -7.32 11.61 0.30
C GLU A 267 -6.74 12.68 -0.66
N VAL A 268 -7.52 13.70 -0.99
CA VAL A 268 -7.02 14.73 -1.88
C VAL A 268 -6.61 16.02 -1.15
N ILE A 269 -7.30 16.37 -0.06
CA ILE A 269 -7.09 17.63 0.68
C ILE A 269 -5.64 17.82 1.17
N GLY A 270 -4.96 16.76 1.63
CA GLY A 270 -3.59 16.82 2.14
C GLY A 270 -3.50 17.02 3.65
N ARG A 271 -4.29 16.29 4.42
CA ARG A 271 -4.36 16.51 5.86
C ARG A 271 -4.12 15.22 6.61
N LEU A 272 -3.28 15.28 7.62
CA LEU A 272 -2.80 14.08 8.32
C LEU A 272 -3.93 13.19 8.91
N ASP A 273 -4.95 13.83 9.46
CA ASP A 273 -6.10 13.14 10.07
C ASP A 273 -6.97 12.44 9.04
N THR A 274 -7.35 13.14 7.95
CA THR A 274 -8.17 12.57 6.88
C THR A 274 -7.40 11.45 6.19
N MET A 275 -6.06 11.51 6.15
CA MET A 275 -5.28 10.39 5.61
C MET A 275 -5.57 9.07 6.31
N VAL A 276 -5.63 9.11 7.64
CA VAL A 276 -5.81 7.90 8.47
C VAL A 276 -7.28 7.43 8.39
N THR A 277 -8.16 8.41 8.43
CA THR A 277 -9.59 8.19 8.24
C THR A 277 -9.82 7.45 6.96
N ALA A 278 -9.17 7.95 5.90
CA ALA A 278 -9.39 7.42 4.57
C ALA A 278 -8.89 6.01 4.44
N LEU A 279 -7.76 5.72 5.07
CA LEU A 279 -7.29 4.35 5.08
C LEU A 279 -8.29 3.49 5.85
N SER A 280 -8.77 4.03 6.96
CA SER A 280 -9.54 3.24 7.87
C SER A 280 -10.89 2.83 7.21
N CYS A 281 -11.56 3.76 6.52
CA CYS A 281 -12.89 3.50 5.95
C CYS A 281 -12.84 2.51 4.74
N CYS A 282 -11.66 2.19 4.24
CA CYS A 282 -11.61 1.20 3.19
C CYS A 282 -11.67 -0.19 3.90
N GLN A 283 -12.12 -1.17 3.10
CA GLN A 283 -12.53 -2.48 3.61
C GLN A 283 -11.26 -3.18 4.10
N GLU A 284 -11.33 -3.80 5.29
CA GLU A 284 -10.11 -4.31 5.96
C GLU A 284 -9.32 -5.37 5.20
N ALA A 285 -10.01 -6.21 4.44
CA ALA A 285 -9.37 -7.31 3.72
C ALA A 285 -8.80 -7.00 2.36
N TYR A 286 -9.44 -6.13 1.57
CA TYR A 286 -8.98 -5.85 0.21
C TYR A 286 -9.08 -4.36 -0.17
N GLY A 287 -9.30 -3.49 0.81
CA GLY A 287 -9.38 -2.03 0.58
C GLY A 287 -8.06 -1.45 0.11
N VAL A 288 -8.16 -0.40 -0.68
CA VAL A 288 -7.05 0.37 -1.17
C VAL A 288 -7.33 1.86 -0.83
N SER A 289 -6.31 2.53 -0.28
CA SER A 289 -6.38 3.95 0.00
C SER A 289 -5.19 4.60 -0.69
N VAL A 290 -5.47 5.66 -1.42
CA VAL A 290 -4.45 6.37 -2.18
C VAL A 290 -4.32 7.83 -1.69
N ILE A 291 -3.07 8.21 -1.45
CA ILE A 291 -2.66 9.55 -1.07
C ILE A 291 -2.45 10.37 -2.35
N VAL A 292 -3.01 11.56 -2.39
CA VAL A 292 -2.82 12.47 -3.55
C VAL A 292 -2.13 13.78 -3.18
N GLY A 293 -2.48 14.33 -2.02
CA GLY A 293 -2.07 15.66 -1.62
C GLY A 293 -0.90 15.73 -0.65
N VAL A 294 -0.14 16.81 -0.78
CA VAL A 294 0.99 17.13 0.14
C VAL A 294 0.41 17.80 1.37
N PRO A 295 0.89 17.41 2.54
CA PRO A 295 0.44 18.08 3.76
C PRO A 295 1.07 19.50 3.98
N PRO A 296 0.45 20.37 4.87
CA PRO A 296 0.89 21.77 5.24
C PRO A 296 2.33 21.92 5.83
N ASP A 297 2.89 20.83 6.32
CA ASP A 297 4.22 20.33 5.90
C ASP A 297 5.09 19.67 6.92
N SER A 298 5.64 18.54 6.46
CA SER A 298 6.33 17.55 7.25
C SER A 298 5.40 17.08 8.34
N GLN A 299 5.97 16.68 9.48
CA GLN A 299 5.23 16.12 10.59
C GLN A 299 4.62 14.82 10.19
N ASN A 300 4.84 13.86 11.07
CA ASN A 300 4.32 12.56 10.88
C ASN A 300 2.84 12.47 11.21
N LEU A 301 2.15 11.59 10.49
CA LEU A 301 0.92 11.05 10.97
C LEU A 301 1.20 9.93 11.97
N SER A 302 0.17 9.62 12.73
CA SER A 302 0.23 8.57 13.70
C SER A 302 -0.86 7.58 13.31
N MET A 303 -0.52 6.30 13.33
CA MET A 303 -1.28 5.32 12.59
C MET A 303 -1.01 3.93 13.20
N ASN A 304 -2.05 3.10 13.32
CA ASN A 304 -1.96 1.77 13.84
C ASN A 304 -1.78 0.79 12.71
N PRO A 305 -0.66 0.09 12.69
CA PRO A 305 -0.38 -0.80 11.53
C PRO A 305 -1.28 -2.04 11.38
N MET A 306 -2.11 -2.32 12.40
CA MET A 306 -3.13 -3.37 12.26
C MET A 306 -4.14 -3.05 11.15
N LEU A 307 -4.28 -1.77 10.80
CA LEU A 307 -5.10 -1.35 9.65
C LEU A 307 -4.62 -2.04 8.40
N LEU A 308 -3.30 -2.19 8.24
CA LEU A 308 -2.69 -2.87 7.10
C LEU A 308 -2.63 -4.40 7.17
N LEU A 309 -2.42 -4.93 8.38
CA LEU A 309 -2.25 -6.40 8.58
C LEU A 309 -3.50 -7.21 8.17
N SER A 310 -4.70 -6.66 8.29
CA SER A 310 -5.89 -7.35 7.79
C SER A 310 -5.90 -7.56 6.24
N GLY A 311 -5.17 -6.74 5.50
CA GLY A 311 -5.19 -6.82 4.05
C GLY A 311 -5.24 -5.50 3.29
N ARG A 312 -5.36 -4.35 3.97
CA ARG A 312 -5.41 -3.02 3.29
C ARG A 312 -4.10 -2.68 2.57
N THR A 313 -4.22 -1.93 1.46
CA THR A 313 -3.11 -1.40 0.74
C THR A 313 -3.15 0.11 0.90
N TRP A 314 -1.99 0.71 1.13
CA TRP A 314 -1.86 2.18 1.28
C TRP A 314 -0.77 2.57 0.30
N LYS A 315 -1.03 3.59 -0.51
CA LYS A 315 -0.07 4.05 -1.50
C LYS A 315 -0.31 5.48 -1.92
N GLY A 316 0.65 6.06 -2.60
CA GLY A 316 0.50 7.41 -3.17
C GLY A 316 1.19 7.50 -4.50
N ALA A 317 1.10 8.65 -5.14
CA ALA A 317 1.84 8.90 -6.37
C ALA A 317 1.91 10.40 -6.62
N ILE A 318 2.80 10.74 -7.53
CA ILE A 318 2.89 12.06 -8.16
C ILE A 318 2.34 11.93 -9.58
N PHE A 319 1.62 12.96 -10.03
CA PHE A 319 1.12 13.05 -11.43
C PHE A 319 0.23 11.87 -11.80
N GLY A 320 -0.58 11.46 -10.84
CA GLY A 320 -1.49 10.35 -10.99
C GLY A 320 -0.91 9.04 -11.40
N GLY A 321 0.36 8.82 -11.09
CA GLY A 321 1.06 7.61 -11.54
C GLY A 321 1.38 7.50 -13.04
N PHE A 322 1.08 8.55 -13.82
CA PHE A 322 1.32 8.51 -15.29
C PHE A 322 2.78 8.75 -15.67
N LYS A 323 3.30 7.91 -16.59
CA LYS A 323 4.63 8.14 -17.20
C LYS A 323 4.42 9.37 -18.07
N SER A 324 5.13 10.46 -17.79
CA SER A 324 4.60 11.77 -18.23
C SER A 324 4.50 11.96 -19.76
N LYS A 325 5.61 11.76 -20.45
CA LYS A 325 5.66 11.95 -21.93
C LYS A 325 4.83 10.94 -22.75
N ASP A 326 4.84 9.67 -22.37
CA ASP A 326 3.86 8.70 -22.91
C ASP A 326 2.40 9.09 -22.69
N SER A 327 2.04 9.62 -21.52
CA SER A 327 0.59 9.65 -21.14
C SER A 327 -0.14 10.93 -21.55
N VAL A 328 0.54 12.09 -21.36
CA VAL A 328 -0.07 13.41 -21.63
C VAL A 328 -0.72 13.54 -23.04
N PRO A 329 -0.03 13.08 -24.09
CA PRO A 329 -0.67 13.23 -25.41
C PRO A 329 -1.93 12.37 -25.57
N LYS A 330 -1.96 11.19 -24.94
CA LYS A 330 -3.12 10.30 -25.03
C LYS A 330 -4.23 10.84 -24.19
N LEU A 331 -3.88 11.44 -23.06
CA LEU A 331 -4.87 12.14 -22.26
C LEU A 331 -5.49 13.26 -23.06
N VAL A 332 -4.67 14.06 -23.73
CA VAL A 332 -5.20 15.05 -24.67
C VAL A 332 -6.05 14.37 -25.76
N ALA A 333 -5.53 13.32 -26.39
CA ALA A 333 -6.29 12.63 -27.46
C ALA A 333 -7.65 12.17 -26.95
N ASP A 334 -7.68 11.61 -25.73
CA ASP A 334 -8.94 11.24 -25.13
C ASP A 334 -9.84 12.44 -24.95
N PHE A 335 -9.33 13.55 -24.44
CA PHE A 335 -10.17 14.74 -24.28
C PHE A 335 -10.72 15.19 -25.64
N MET A 336 -9.90 15.13 -26.68
CA MET A 336 -10.33 15.51 -28.03
C MET A 336 -11.38 14.53 -28.55
N ALA A 337 -11.19 13.24 -28.30
CA ALA A 337 -12.20 12.23 -28.62
C ALA A 337 -13.37 12.21 -27.62
N LYS A 338 -13.54 13.28 -26.83
CA LYS A 338 -14.68 13.46 -25.93
C LYS A 338 -14.88 12.41 -24.81
N LYS A 339 -13.83 11.64 -24.50
CA LYS A 339 -13.93 10.66 -23.40
C LYS A 339 -14.08 11.26 -22.00
N PHE A 340 -13.79 12.55 -21.80
CA PHE A 340 -14.07 13.29 -20.52
C PHE A 340 -14.14 14.78 -20.80
N ALA A 341 -14.77 15.50 -19.88
CA ALA A 341 -14.91 16.96 -19.92
C ALA A 341 -13.99 17.70 -18.92
N LEU A 342 -13.39 18.81 -19.38
CA LEU A 342 -12.58 19.70 -18.54
C LEU A 342 -13.30 20.95 -18.06
N ASP A 343 -14.35 21.39 -18.77
CA ASP A 343 -15.06 22.62 -18.40
C ASP A 343 -15.51 22.68 -16.95
N PRO A 344 -16.01 21.57 -16.38
CA PRO A 344 -16.51 21.63 -14.97
C PRO A 344 -15.51 22.09 -13.92
N LEU A 345 -14.23 21.87 -14.18
CA LEU A 345 -13.15 22.23 -13.27
C LEU A 345 -12.81 23.71 -13.38
N ILE A 346 -13.02 24.32 -14.53
CA ILE A 346 -12.62 25.71 -14.74
C ILE A 346 -13.73 26.70 -14.27
N THR A 347 -13.54 27.29 -13.08
CA THR A 347 -14.46 28.23 -12.53
C THR A 347 -14.10 29.71 -12.75
N HIS A 348 -12.82 30.03 -12.89
CA HIS A 348 -12.34 31.41 -13.08
C HIS A 348 -11.31 31.44 -14.23
N VAL A 349 -11.31 32.49 -15.05
CA VAL A 349 -10.29 32.75 -16.09
C VAL A 349 -9.85 34.21 -15.97
N LEU A 350 -8.55 34.44 -15.98
CA LEU A 350 -8.01 35.77 -15.75
C LEU A 350 -6.84 35.98 -16.71
N PRO A 351 -6.56 37.25 -17.08
CA PRO A 351 -5.33 37.55 -17.78
C PRO A 351 -4.13 37.25 -16.87
N PHE A 352 -3.06 36.75 -17.44
CA PHE A 352 -1.83 36.46 -16.69
C PHE A 352 -1.39 37.49 -15.68
N GLU A 353 -1.52 38.75 -16.04
CA GLU A 353 -1.11 39.81 -15.11
C GLU A 353 -1.98 39.98 -13.89
N LYS A 354 -3.18 39.42 -13.82
CA LYS A 354 -3.88 39.37 -12.53
C LYS A 354 -3.60 38.07 -11.71
N ILE A 355 -2.38 37.55 -11.86
CA ILE A 355 -1.94 36.35 -11.14
C ILE A 355 -2.23 36.40 -9.65
N ASN A 356 -1.94 37.53 -9.01
CA ASN A 356 -2.13 37.60 -7.56
C ASN A 356 -3.61 37.45 -7.18
N GLU A 357 -4.51 38.05 -7.95
CA GLU A 357 -5.93 37.83 -7.74
C GLU A 357 -6.26 36.34 -7.80
N GLY A 358 -5.67 35.66 -8.78
CA GLY A 358 -5.84 34.21 -8.95
C GLY A 358 -5.42 33.42 -7.70
N PHE A 359 -4.31 33.81 -7.12
CA PHE A 359 -3.88 33.16 -5.89
C PHE A 359 -4.81 33.43 -4.68
N ASP A 360 -5.38 34.65 -4.65
CA ASP A 360 -6.40 35.03 -3.64
C ASP A 360 -7.60 34.12 -3.74
N LEU A 361 -8.11 33.90 -4.95
CA LEU A 361 -9.23 32.94 -5.18
C LEU A 361 -8.93 31.49 -4.76
N LEU A 362 -7.69 31.07 -4.93
CA LEU A 362 -7.25 29.74 -4.54
C LEU A 362 -7.24 29.65 -3.02
N ARG A 363 -6.56 30.62 -2.38
CA ARG A 363 -6.42 30.68 -0.92
C ARG A 363 -7.72 30.80 -0.11
N SER A 364 -8.75 31.38 -0.70
CA SER A 364 -9.99 31.62 -0.02
C SER A 364 -10.92 30.45 -0.24
N GLY A 365 -10.59 29.54 -1.16
CA GLY A 365 -11.51 28.48 -1.56
C GLY A 365 -12.59 28.82 -2.60
N GLU A 366 -12.71 30.09 -3.02
CA GLU A 366 -13.73 30.50 -4.01
C GLU A 366 -13.54 29.84 -5.39
N SER A 367 -12.31 29.49 -5.75
CA SER A 367 -12.01 28.90 -7.04
C SER A 367 -11.97 27.36 -6.96
N ILE A 368 -12.41 26.66 -7.98
CA ILE A 368 -11.96 25.30 -8.20
C ILE A 368 -10.65 25.32 -9.02
N ARG A 369 -10.66 25.96 -10.18
CA ARG A 369 -9.44 26.19 -10.97
C ARG A 369 -9.50 27.53 -11.66
N THR A 370 -8.45 28.32 -11.49
CA THR A 370 -8.28 29.53 -12.24
C THR A 370 -7.28 29.21 -13.31
N ILE A 371 -7.57 29.61 -14.53
CA ILE A 371 -6.64 29.54 -15.66
C ILE A 371 -6.23 30.97 -15.96
N LEU A 372 -4.93 31.15 -16.15
CA LEU A 372 -4.37 32.39 -16.59
C LEU A 372 -4.05 32.33 -18.08
N THR A 373 -4.52 33.33 -18.86
CA THR A 373 -4.29 33.42 -20.31
C THR A 373 -3.32 34.53 -20.72
N PHE A 374 -2.46 34.28 -21.70
CA PHE A 374 -1.30 35.16 -22.08
C PHE A 374 -1.55 36.04 -23.29
N SER B 1 -16.52 -45.60 15.99
CA SER B 1 -16.25 -46.33 17.29
C SER B 1 -16.26 -45.43 18.55
N THR B 2 -15.73 -44.23 18.35
CA THR B 2 -15.99 -43.07 19.19
C THR B 2 -16.96 -42.06 18.52
N ALA B 3 -17.31 -42.29 17.25
CA ALA B 3 -18.27 -41.48 16.49
C ALA B 3 -19.60 -41.30 17.25
N GLY B 4 -20.06 -40.05 17.31
CA GLY B 4 -21.27 -39.70 18.05
C GLY B 4 -21.15 -39.62 19.55
N LYS B 5 -19.97 -39.97 20.09
CA LYS B 5 -19.74 -39.97 21.52
C LYS B 5 -18.67 -38.98 21.86
N VAL B 6 -18.84 -38.42 23.05
CA VAL B 6 -17.78 -37.73 23.78
C VAL B 6 -16.48 -38.53 23.87
N ILE B 7 -15.38 -37.85 23.55
CA ILE B 7 -14.01 -38.35 23.76
C ILE B 7 -13.35 -37.65 24.97
N LYS B 8 -12.79 -38.47 25.86
CA LYS B 8 -11.95 -38.03 26.96
C LYS B 8 -10.57 -38.02 26.44
N CYS B 9 -9.85 -36.92 26.56
CA CYS B 9 -8.47 -36.88 26.06
C CYS B 9 -7.76 -35.78 26.78
N LYS B 10 -6.49 -35.60 26.48
CA LYS B 10 -5.72 -34.53 27.08
C LYS B 10 -5.66 -33.31 26.16
N ALA B 11 -5.48 -32.15 26.79
CA ALA B 11 -5.27 -30.88 26.12
C ALA B 11 -4.45 -30.00 27.02
N ALA B 12 -3.90 -28.96 26.41
CA ALA B 12 -3.18 -27.95 27.07
C ALA B 12 -4.08 -26.74 27.22
N VAL B 13 -4.49 -26.52 28.46
CA VAL B 13 -5.42 -25.50 28.82
C VAL B 13 -4.68 -24.33 29.47
N LEU B 14 -4.91 -23.15 28.94
CA LEU B 14 -4.47 -21.92 29.52
C LEU B 14 -5.61 -21.38 30.37
N TRP B 15 -5.53 -21.47 31.71
CA TRP B 15 -6.64 -21.05 32.59
C TRP B 15 -6.70 -19.52 32.88
N GLU B 16 -5.56 -18.84 32.74
CA GLU B 16 -5.32 -17.44 33.13
C GLU B 16 -4.17 -16.96 32.29
N GLU B 17 -4.06 -15.66 32.10
CA GLU B 17 -2.88 -15.12 31.44
C GLU B 17 -1.63 -15.12 32.27
N LYS B 18 -0.51 -15.05 31.55
CA LYS B 18 0.82 -15.13 32.12
C LYS B 18 1.04 -16.39 32.99
N LYS B 19 0.22 -17.41 32.81
CA LYS B 19 0.38 -18.70 33.47
C LYS B 19 1.02 -19.65 32.44
N PRO B 20 1.70 -20.70 32.91
CA PRO B 20 2.02 -21.82 31.99
C PRO B 20 0.79 -22.62 31.55
N PHE B 21 0.92 -23.40 30.48
CA PHE B 21 -0.19 -24.23 30.00
C PHE B 21 -0.31 -25.37 30.98
N SER B 22 -1.52 -25.87 31.12
CA SER B 22 -1.83 -26.92 32.06
C SER B 22 -2.35 -28.14 31.28
N ILE B 23 -1.65 -29.27 31.41
CA ILE B 23 -2.08 -30.53 30.75
C ILE B 23 -3.25 -31.10 31.55
N GLU B 24 -4.48 -31.08 30.99
CA GLU B 24 -5.73 -31.46 31.66
C GLU B 24 -6.45 -32.52 30.91
N GLU B 25 -7.23 -33.31 31.64
CA GLU B 25 -8.12 -34.24 31.01
C GLU B 25 -9.38 -33.44 30.57
N VAL B 26 -9.79 -33.56 29.31
CA VAL B 26 -10.91 -32.79 28.82
C VAL B 26 -11.92 -33.69 28.16
N GLU B 27 -13.13 -33.18 28.00
CA GLU B 27 -14.13 -33.85 27.19
C GLU B 27 -14.36 -33.04 25.90
N VAL B 28 -14.29 -33.75 24.78
CA VAL B 28 -14.43 -33.18 23.47
C VAL B 28 -15.72 -33.73 22.95
N ALA B 29 -16.74 -32.86 22.90
CA ALA B 29 -18.02 -33.23 22.31
C ALA B 29 -17.92 -33.66 20.83
N PRO B 30 -18.84 -34.54 20.41
CA PRO B 30 -18.88 -34.99 19.02
C PRO B 30 -19.33 -33.85 18.08
N PRO B 31 -18.98 -33.95 16.80
CA PRO B 31 -19.24 -32.81 15.93
C PRO B 31 -20.75 -32.59 15.64
N LYS B 32 -21.29 -31.40 15.88
CA LYS B 32 -22.62 -31.09 15.39
C LYS B 32 -22.65 -30.90 13.83
N ALA B 33 -23.81 -30.50 13.30
CA ALA B 33 -23.95 -30.25 11.85
C ALA B 33 -22.85 -29.37 11.32
N HIS B 34 -22.23 -29.80 10.22
CA HIS B 34 -21.17 -29.04 9.54
C HIS B 34 -19.88 -28.86 10.33
N GLU B 35 -19.61 -29.83 11.23
CA GLU B 35 -18.43 -29.83 12.06
C GLU B 35 -17.61 -31.10 11.85
N VAL B 36 -16.35 -31.05 12.26
CA VAL B 36 -15.35 -32.09 11.93
C VAL B 36 -14.45 -32.29 13.17
N ARG B 37 -14.40 -33.52 13.68
CA ARG B 37 -13.59 -33.83 14.86
C ARG B 37 -12.31 -34.43 14.37
N ILE B 38 -11.18 -33.89 14.83
CA ILE B 38 -9.86 -34.28 14.32
C ILE B 38 -8.97 -34.85 15.42
N LYS B 39 -8.33 -35.98 15.15
CA LYS B 39 -7.22 -36.43 15.97
C LYS B 39 -5.95 -35.74 15.54
N MET B 40 -5.31 -35.02 16.47
CA MET B 40 -4.17 -34.22 16.16
C MET B 40 -2.95 -35.13 16.08
N VAL B 41 -2.13 -34.87 15.06
CA VAL B 41 -0.87 -35.55 14.87
C VAL B 41 0.31 -34.66 15.16
N ALA B 42 0.26 -33.40 14.75
CA ALA B 42 1.32 -32.44 15.09
C ALA B 42 0.80 -31.02 15.13
N THR B 43 1.41 -30.20 15.97
CA THR B 43 1.11 -28.81 16.02
C THR B 43 2.40 -28.07 16.32
N GLY B 44 2.63 -26.99 15.57
CA GLY B 44 3.72 -26.08 15.88
C GLY B 44 3.33 -25.02 16.90
N ILE B 45 4.36 -24.44 17.51
CA ILE B 45 4.22 -23.35 18.41
C ILE B 45 4.58 -22.05 17.68
N CYS B 46 3.58 -21.20 17.53
CA CYS B 46 3.67 -19.95 16.80
C CYS B 46 3.66 -18.79 17.78
N ARG B 47 4.29 -17.72 17.35
CA ARG B 47 4.34 -16.47 18.05
C ARG B 47 2.95 -16.00 18.55
N SER B 48 1.90 -16.18 17.75
CA SER B 48 0.53 -15.69 18.14
C SER B 48 -0.15 -16.50 19.25
N ASP B 49 0.28 -17.76 19.41
CA ASP B 49 -0.12 -18.56 20.59
C ASP B 49 0.43 -17.95 21.89
N ASP B 50 1.68 -17.53 21.83
CA ASP B 50 2.33 -16.86 22.97
C ASP B 50 1.72 -15.48 23.28
N HIS B 51 1.17 -14.81 22.25
CA HIS B 51 0.45 -13.58 22.47
C HIS B 51 -0.81 -13.81 23.23
N VAL B 52 -1.41 -14.99 23.09
CA VAL B 52 -2.55 -15.36 23.93
C VAL B 52 -2.11 -15.50 25.41
N VAL B 53 -0.96 -16.14 25.64
CA VAL B 53 -0.39 -16.25 27.00
C VAL B 53 -0.19 -14.84 27.63
N SER B 54 0.48 -13.94 26.92
CA SER B 54 0.78 -12.61 27.52
C SER B 54 -0.41 -11.64 27.64
N GLY B 55 -1.63 -12.03 27.26
CA GLY B 55 -2.72 -11.05 27.11
C GLY B 55 -2.55 -10.03 25.99
N THR B 56 -1.53 -10.20 25.15
CA THR B 56 -1.26 -9.39 23.95
C THR B 56 -2.34 -9.63 22.88
N LEU B 57 -2.68 -10.90 22.63
CA LEU B 57 -3.78 -11.26 21.75
C LEU B 57 -4.96 -11.59 22.65
N VAL B 58 -5.95 -10.69 22.69
CA VAL B 58 -7.07 -10.78 23.65
C VAL B 58 -8.18 -11.69 23.10
N THR B 59 -8.45 -12.76 23.83
CA THR B 59 -9.42 -13.82 23.44
C THR B 59 -9.95 -14.39 24.78
N PRO B 60 -11.15 -14.90 24.82
CA PRO B 60 -11.70 -15.40 26.09
C PRO B 60 -10.92 -16.57 26.69
N LEU B 61 -10.71 -16.50 27.99
CA LEU B 61 -10.08 -17.53 28.78
C LEU B 61 -11.12 -18.15 29.71
N PRO B 62 -10.94 -19.39 30.16
CA PRO B 62 -9.86 -20.29 29.75
C PRO B 62 -9.99 -20.78 28.30
N VAL B 63 -8.87 -21.17 27.69
CA VAL B 63 -8.83 -21.47 26.27
C VAL B 63 -7.93 -22.63 26.01
N ILE B 64 -8.28 -23.39 24.98
CA ILE B 64 -7.36 -24.25 24.26
C ILE B 64 -6.88 -23.53 22.99
N ALA B 65 -5.60 -23.22 22.99
CA ALA B 65 -4.96 -22.44 21.93
C ALA B 65 -4.40 -23.39 20.87
N GLY B 66 -3.44 -22.93 20.08
CA GLY B 66 -2.92 -23.72 18.97
C GLY B 66 -3.68 -23.42 17.70
N HIS B 67 -2.96 -23.18 16.63
CA HIS B 67 -3.63 -22.96 15.32
C HIS B 67 -2.82 -23.37 14.12
N GLU B 68 -1.59 -23.82 14.32
CA GLU B 68 -0.76 -24.37 13.28
C GLU B 68 -0.65 -25.88 13.58
N ALA B 69 -1.29 -26.71 12.74
CA ALA B 69 -1.38 -28.15 12.99
C ALA B 69 -1.78 -28.95 11.79
N ALA B 70 -1.59 -30.25 11.93
CA ALA B 70 -2.15 -31.27 11.06
C ALA B 70 -2.62 -32.51 11.89
N GLY B 71 -3.61 -33.20 11.37
CA GLY B 71 -4.03 -34.48 11.95
C GLY B 71 -4.95 -35.25 11.04
N ILE B 72 -5.77 -36.13 11.64
CA ILE B 72 -6.65 -37.08 10.90
C ILE B 72 -8.11 -36.91 11.32
N VAL B 73 -9.05 -36.91 10.40
CA VAL B 73 -10.46 -36.80 10.80
C VAL B 73 -10.87 -38.10 11.55
N GLU B 74 -11.50 -38.00 12.73
CA GLU B 74 -12.07 -39.18 13.34
C GLU B 74 -13.55 -39.22 13.11
N SER B 75 -14.24 -38.09 12.98
CA SER B 75 -15.65 -38.17 12.54
C SER B 75 -16.17 -36.87 11.97
N ILE B 76 -17.31 -36.97 11.28
CA ILE B 76 -18.01 -35.81 10.67
C ILE B 76 -19.45 -35.68 11.17
N GLY B 77 -19.85 -34.44 11.44
CA GLY B 77 -21.24 -34.16 11.68
C GLY B 77 -22.06 -34.23 10.39
N GLU B 78 -23.37 -34.16 10.53
CA GLU B 78 -24.22 -34.13 9.32
C GLU B 78 -23.89 -32.92 8.43
N GLY B 79 -23.90 -33.13 7.12
CA GLY B 79 -23.72 -32.06 6.15
C GLY B 79 -22.34 -32.00 5.58
N VAL B 80 -21.36 -32.51 6.33
CA VAL B 80 -20.00 -32.37 5.93
C VAL B 80 -19.76 -33.09 4.60
N THR B 81 -19.31 -32.31 3.65
CA THR B 81 -19.14 -32.75 2.31
C THR B 81 -17.71 -32.73 1.91
N THR B 82 -16.80 -32.07 2.63
CA THR B 82 -15.43 -31.84 2.04
C THR B 82 -14.29 -32.67 2.61
N VAL B 83 -14.57 -33.43 3.65
CA VAL B 83 -13.59 -34.33 4.26
C VAL B 83 -14.33 -35.57 4.77
N ARG B 84 -13.60 -36.67 4.89
CA ARG B 84 -14.15 -37.93 5.43
C ARG B 84 -13.31 -38.50 6.54
N PRO B 85 -13.93 -39.27 7.49
CA PRO B 85 -13.11 -39.95 8.52
C PRO B 85 -11.94 -40.60 7.83
N GLY B 86 -10.75 -40.47 8.41
CA GLY B 86 -9.52 -41.02 7.81
C GLY B 86 -8.68 -40.04 6.99
N ASP B 87 -9.29 -38.93 6.56
CA ASP B 87 -8.54 -37.93 5.76
C ASP B 87 -7.50 -37.19 6.59
N LYS B 88 -6.31 -37.02 6.03
CA LYS B 88 -5.36 -36.04 6.53
C LYS B 88 -5.92 -34.63 6.29
N VAL B 89 -5.83 -33.80 7.33
CA VAL B 89 -6.40 -32.46 7.33
C VAL B 89 -5.50 -31.44 8.01
N ILE B 90 -5.60 -30.19 7.55
CA ILE B 90 -4.99 -29.03 8.20
C ILE B 90 -6.10 -28.07 8.62
N PRO B 91 -6.21 -27.78 9.93
CA PRO B 91 -7.17 -26.73 10.36
C PRO B 91 -6.82 -25.32 9.81
N LEU B 92 -7.82 -24.54 9.46
CA LEU B 92 -7.62 -23.23 8.85
C LEU B 92 -8.01 -22.14 9.83
N PHE B 93 -7.01 -21.53 10.46
CA PHE B 93 -7.30 -20.48 11.46
C PHE B 93 -7.97 -19.20 10.88
N THR B 94 -7.70 -18.97 9.61
CA THR B 94 -8.46 -18.05 8.81
C THR B 94 -9.37 -18.97 7.97
N PRO B 95 -10.69 -18.96 8.23
CA PRO B 95 -11.57 -19.80 7.42
C PRO B 95 -11.75 -19.33 5.99
N GLN B 96 -12.38 -20.17 5.20
CA GLN B 96 -12.87 -19.76 3.87
C GLN B 96 -14.34 -20.19 3.68
N CYS B 97 -15.27 -19.42 4.20
CA CYS B 97 -16.69 -19.75 4.06
C CYS B 97 -17.19 -19.83 2.60
N GLY B 98 -16.50 -19.13 1.70
CA GLY B 98 -16.82 -19.13 0.29
C GLY B 98 -18.03 -18.25 -0.03
N LYS B 99 -18.61 -17.56 0.95
CA LYS B 99 -19.87 -16.88 0.76
C LYS B 99 -19.88 -15.37 1.02
N CYS B 100 -18.98 -14.89 1.86
CA CYS B 100 -18.99 -13.49 2.24
C CYS B 100 -18.29 -12.64 1.14
N ARG B 101 -18.36 -11.33 1.34
CA ARG B 101 -17.91 -10.37 0.35
C ARG B 101 -16.44 -10.62 0.15
N VAL B 102 -15.76 -11.07 1.21
CA VAL B 102 -14.29 -11.26 1.17
C VAL B 102 -13.86 -12.52 0.40
N CYS B 103 -14.53 -13.65 0.72
CA CYS B 103 -14.19 -14.91 0.05
C CYS B 103 -14.53 -14.77 -1.46
N LYS B 104 -15.59 -14.02 -1.79
CA LYS B 104 -15.94 -13.67 -3.19
C LYS B 104 -14.94 -12.77 -3.93
N HIS B 105 -14.25 -11.89 -3.20
CA HIS B 105 -13.25 -11.00 -3.74
C HIS B 105 -12.02 -11.71 -4.23
N PRO B 106 -11.56 -11.42 -5.45
CA PRO B 106 -10.41 -12.19 -5.97
C PRO B 106 -9.04 -11.90 -5.32
N GLU B 107 -8.95 -10.86 -4.50
CA GLU B 107 -7.76 -10.54 -3.68
C GLU B 107 -7.90 -10.77 -2.16
N GLY B 108 -9.11 -10.80 -1.61
CA GLY B 108 -9.27 -10.93 -0.17
C GLY B 108 -9.03 -12.36 0.29
N ASN B 109 -8.56 -12.53 1.50
CA ASN B 109 -8.54 -13.85 2.11
C ASN B 109 -8.99 -13.82 3.56
N PHE B 110 -9.22 -12.63 4.13
CA PHE B 110 -9.58 -12.51 5.52
C PHE B 110 -11.09 -12.65 5.71
N CYS B 111 -11.54 -13.90 5.51
CA CYS B 111 -12.96 -14.30 5.60
C CYS B 111 -13.66 -13.69 6.78
N LEU B 112 -14.86 -13.16 6.58
CA LEU B 112 -15.55 -12.46 7.63
C LEU B 112 -16.05 -13.36 8.70
N LYS B 113 -16.01 -14.67 8.48
CA LYS B 113 -16.39 -15.61 9.52
C LYS B 113 -15.24 -15.82 10.53
N ASN B 114 -14.16 -15.04 10.45
CA ASN B 114 -12.95 -15.30 11.23
C ASN B 114 -13.28 -14.99 12.68
N ASP B 115 -12.51 -15.57 13.62
CA ASP B 115 -12.69 -15.22 15.05
C ASP B 115 -11.49 -14.42 15.60
N LEU B 116 -10.79 -13.72 14.71
CA LEU B 116 -9.57 -12.98 15.04
C LEU B 116 -9.87 -11.52 15.35
N SER B 117 -10.65 -10.89 14.46
CA SER B 117 -11.10 -9.50 14.65
C SER B 117 -11.72 -9.28 16.00
N MET B 118 -12.75 -10.02 16.30
CA MET B 118 -13.53 -9.82 17.54
C MET B 118 -13.70 -11.17 18.24
N PRO B 119 -12.68 -11.64 18.94
CA PRO B 119 -12.72 -13.04 19.40
C PRO B 119 -13.88 -13.41 20.29
N ARG B 120 -14.73 -14.35 19.85
CA ARG B 120 -15.72 -15.02 20.72
C ARG B 120 -15.14 -16.29 21.42
N GLY B 121 -14.20 -16.99 20.76
CA GLY B 121 -13.66 -18.24 21.31
C GLY B 121 -14.71 -19.32 21.37
N THR B 122 -15.40 -19.52 20.25
CA THR B 122 -16.48 -20.50 20.14
C THR B 122 -16.39 -21.17 18.80
N MET B 123 -17.22 -22.19 18.58
CA MET B 123 -17.49 -22.65 17.20
C MET B 123 -18.33 -21.53 16.50
N GLN B 124 -18.60 -21.72 15.22
CA GLN B 124 -19.45 -20.73 14.50
C GLN B 124 -20.82 -20.56 15.16
N ASP B 125 -21.35 -21.63 15.76
CA ASP B 125 -22.65 -21.55 16.40
C ASP B 125 -22.65 -20.84 17.76
N GLY B 126 -21.53 -20.26 18.16
CA GLY B 126 -21.50 -19.54 19.40
C GLY B 126 -21.37 -20.47 20.60
N THR B 127 -21.12 -21.78 20.39
CA THR B 127 -20.88 -22.70 21.55
C THR B 127 -19.44 -23.29 21.60
N SER B 128 -19.08 -23.94 22.73
CA SER B 128 -17.88 -24.77 22.84
C SER B 128 -18.14 -26.29 22.87
N ARG B 129 -17.16 -27.03 22.37
CA ARG B 129 -17.16 -28.49 22.35
C ARG B 129 -16.21 -29.04 23.43
N PHE B 130 -15.68 -28.12 24.25
CA PHE B 130 -14.71 -28.46 25.22
C PHE B 130 -15.24 -28.22 26.63
N THR B 131 -15.09 -29.25 27.47
CA THR B 131 -15.21 -29.13 28.93
C THR B 131 -14.08 -29.73 29.69
N CYS B 132 -13.85 -29.19 30.86
CA CYS B 132 -12.84 -29.69 31.78
C CYS B 132 -13.46 -29.78 33.19
N ARG B 133 -13.80 -30.99 33.63
CA ARG B 133 -14.40 -31.16 34.98
C ARG B 133 -15.77 -30.48 34.91
N GLY B 134 -16.44 -30.63 33.76
CA GLY B 134 -17.72 -29.91 33.45
C GLY B 134 -17.68 -28.41 33.10
N LYS B 135 -16.57 -27.72 33.37
CA LYS B 135 -16.46 -26.31 33.09
C LYS B 135 -16.16 -26.08 31.60
N PRO B 136 -16.91 -25.18 30.95
CA PRO B 136 -16.65 -24.79 29.55
C PRO B 136 -15.30 -24.20 29.34
N ILE B 137 -14.62 -24.66 28.29
CA ILE B 137 -13.35 -24.09 27.85
C ILE B 137 -13.51 -23.50 26.46
N HIS B 138 -12.95 -22.31 26.27
CA HIS B 138 -13.07 -21.62 24.98
C HIS B 138 -12.23 -22.27 23.89
N HIS B 139 -12.68 -22.15 22.64
CA HIS B 139 -11.87 -22.40 21.43
C HIS B 139 -10.94 -21.21 21.14
N PHE B 140 -10.14 -21.36 20.11
CA PHE B 140 -9.23 -20.35 19.63
C PHE B 140 -9.10 -20.39 18.11
N LEU B 141 -9.44 -19.25 17.49
CA LEU B 141 -9.43 -19.11 16.05
C LEU B 141 -10.15 -20.24 15.31
N GLY B 142 -11.22 -20.75 15.94
CA GLY B 142 -11.88 -21.99 15.48
C GLY B 142 -11.03 -23.25 15.27
N THR B 143 -9.82 -23.28 15.83
CA THR B 143 -8.87 -24.37 15.57
C THR B 143 -8.50 -25.15 16.85
N SER B 144 -8.05 -24.50 17.89
CA SER B 144 -7.73 -25.21 19.13
C SER B 144 -6.93 -26.49 18.89
N THR B 145 -5.72 -26.31 18.41
CA THR B 145 -4.90 -27.44 18.06
C THR B 145 -4.06 -28.05 19.18
N PHE B 146 -4.02 -27.44 20.35
CA PHE B 146 -3.29 -27.94 21.48
C PHE B 146 -4.14 -28.98 22.22
N SER B 147 -4.59 -29.98 21.50
CA SER B 147 -5.45 -30.99 22.10
C SER B 147 -5.30 -32.23 21.31
N GLN B 148 -5.45 -33.36 21.98
CA GLN B 148 -5.40 -34.60 21.28
C GLN B 148 -6.47 -34.71 20.23
N TYR B 149 -7.66 -34.19 20.56
CA TYR B 149 -8.74 -34.01 19.67
C TYR B 149 -9.33 -32.60 19.75
N THR B 150 -9.68 -32.08 18.58
CA THR B 150 -10.47 -30.86 18.47
C THR B 150 -11.67 -31.05 17.56
N VAL B 151 -12.59 -30.10 17.67
CA VAL B 151 -13.69 -29.96 16.72
C VAL B 151 -13.61 -28.57 16.05
N VAL B 152 -13.73 -28.53 14.74
CA VAL B 152 -13.69 -27.27 13.95
C VAL B 152 -14.87 -27.25 12.96
N ASP B 153 -15.33 -26.05 12.63
CA ASP B 153 -16.36 -25.86 11.59
C ASP B 153 -15.83 -26.30 10.23
N GLU B 154 -16.66 -26.83 9.36
CA GLU B 154 -16.14 -27.34 8.03
C GLU B 154 -15.34 -26.26 7.24
N ILE B 155 -15.78 -25.01 7.41
CA ILE B 155 -15.10 -23.86 6.78
C ILE B 155 -13.67 -23.66 7.24
N SER B 156 -13.32 -24.24 8.40
CA SER B 156 -12.01 -24.15 8.95
C SER B 156 -11.21 -25.39 8.85
N VAL B 157 -11.39 -26.17 7.76
CA VAL B 157 -10.54 -27.36 7.51
C VAL B 157 -10.41 -27.74 6.03
N ALA B 158 -9.25 -28.31 5.70
CA ALA B 158 -8.88 -28.65 4.34
C ALA B 158 -8.24 -30.05 4.27
N LYS B 159 -8.74 -30.87 3.35
CA LYS B 159 -8.17 -32.19 3.07
C LYS B 159 -6.86 -32.04 2.33
N ILE B 160 -5.88 -32.88 2.68
CA ILE B 160 -4.55 -32.81 2.07
C ILE B 160 -4.08 -34.19 1.63
N ASP B 161 -3.04 -34.22 0.81
CA ASP B 161 -2.47 -35.45 0.31
C ASP B 161 -2.35 -36.52 1.44
N ALA B 162 -2.95 -37.67 1.18
CA ALA B 162 -2.95 -38.76 2.11
C ALA B 162 -1.59 -39.30 2.40
N ALA B 163 -0.58 -39.03 1.58
CA ALA B 163 0.81 -39.44 1.92
C ALA B 163 1.67 -38.33 2.59
N SER B 164 1.03 -37.24 3.03
CA SER B 164 1.71 -36.11 3.70
C SER B 164 2.30 -36.54 5.03
N PRO B 165 3.56 -36.17 5.30
CA PRO B 165 4.14 -36.24 6.65
C PRO B 165 3.64 -35.10 7.56
N LEU B 166 2.75 -35.44 8.49
CA LEU B 166 2.01 -34.43 9.23
C LEU B 166 2.88 -33.67 10.22
N GLU B 167 3.96 -34.32 10.66
CA GLU B 167 4.97 -33.66 11.50
C GLU B 167 5.66 -32.51 10.76
N LYS B 168 5.60 -32.51 9.43
CA LYS B 168 6.20 -31.46 8.60
C LYS B 168 5.21 -30.49 8.03
N VAL B 169 4.14 -31.01 7.44
CA VAL B 169 3.24 -30.14 6.73
C VAL B 169 2.42 -29.29 7.64
N CYS B 170 2.36 -29.65 8.92
CA CYS B 170 1.64 -28.81 9.87
C CYS B 170 2.01 -27.29 9.78
N LEU B 171 3.28 -27.01 9.47
CA LEU B 171 3.79 -25.63 9.22
C LEU B 171 3.03 -24.83 8.17
N ILE B 172 2.32 -25.52 7.28
CA ILE B 172 1.46 -24.90 6.30
C ILE B 172 0.22 -24.26 6.95
N GLY B 173 -0.13 -24.71 8.14
CA GLY B 173 -1.20 -24.13 8.90
C GLY B 173 -0.96 -22.74 9.40
N CYS B 174 0.27 -22.27 9.46
CA CYS B 174 0.47 -20.87 9.71
C CYS B 174 1.79 -20.34 9.24
N GLY B 175 2.85 -20.72 9.95
CA GLY B 175 4.17 -20.07 9.84
C GLY B 175 4.82 -20.05 8.44
N PHE B 176 4.81 -21.20 7.76
CA PHE B 176 5.30 -21.28 6.40
C PHE B 176 4.42 -20.49 5.42
N SER B 177 3.12 -20.73 5.44
CA SER B 177 2.28 -20.17 4.45
C SER B 177 2.26 -18.65 4.58
N THR B 178 2.27 -18.20 5.84
CA THR B 178 2.31 -16.77 6.18
C THR B 178 3.52 -16.06 5.55
N GLY B 179 4.70 -16.65 5.68
CA GLY B 179 5.91 -16.01 5.19
C GLY B 179 6.00 -16.11 3.67
N TYR B 180 5.91 -17.33 3.20
CA TYR B 180 5.97 -17.65 1.78
C TYR B 180 4.92 -16.94 0.96
N GLY B 181 3.69 -16.91 1.45
CA GLY B 181 2.63 -16.19 0.76
C GLY B 181 2.91 -14.66 0.74
N SER B 182 3.52 -14.15 1.83
CA SER B 182 3.81 -12.74 1.88
C SER B 182 4.66 -12.29 0.69
N ALA B 183 5.62 -13.13 0.30
CA ALA B 183 6.44 -12.92 -0.88
C ALA B 183 5.67 -13.16 -2.18
N VAL B 184 5.12 -14.37 -2.27
CA VAL B 184 4.57 -14.92 -3.54
C VAL B 184 3.20 -14.38 -3.93
N LYS B 185 2.37 -14.11 -2.95
CA LYS B 185 1.02 -13.75 -3.18
C LYS B 185 0.74 -12.30 -2.84
N VAL B 186 1.30 -11.81 -1.73
CA VAL B 186 0.98 -10.47 -1.27
C VAL B 186 1.87 -9.47 -2.00
N ALA B 187 3.19 -9.60 -1.90
CA ALA B 187 4.08 -8.68 -2.59
C ALA B 187 4.19 -8.95 -4.10
N LYS B 188 3.99 -10.21 -4.50
CA LYS B 188 4.10 -10.66 -5.88
C LYS B 188 5.46 -10.36 -6.40
N VAL B 189 6.45 -10.90 -5.67
CA VAL B 189 7.90 -10.70 -5.95
C VAL B 189 8.21 -11.12 -7.38
N THR B 190 9.06 -10.36 -8.05
CA THR B 190 9.29 -10.54 -9.49
C THR B 190 10.71 -11.05 -9.69
N GLN B 191 10.92 -11.70 -10.83
CA GLN B 191 12.25 -12.20 -11.21
C GLN B 191 13.24 -11.06 -11.39
N GLY B 192 14.48 -11.32 -11.03
CA GLY B 192 15.51 -10.33 -11.03
C GLY B 192 15.44 -9.33 -9.89
N SER B 193 14.38 -9.33 -9.07
CA SER B 193 14.19 -8.28 -8.07
C SER B 193 15.15 -8.40 -6.90
N THR B 194 15.27 -7.28 -6.17
CA THR B 194 16.03 -7.16 -4.93
C THR B 194 15.02 -7.05 -3.74
N CYS B 195 15.23 -7.95 -2.78
CA CYS B 195 14.31 -8.12 -1.61
C CYS B 195 15.11 -7.88 -0.35
N ALA B 196 14.46 -7.32 0.65
CA ALA B 196 15.02 -7.19 2.01
C ALA B 196 14.00 -7.77 3.02
N VAL B 197 14.49 -8.60 3.93
CA VAL B 197 13.64 -9.30 4.90
C VAL B 197 14.09 -8.97 6.29
N PHE B 198 13.26 -8.28 7.06
CA PHE B 198 13.62 -7.85 8.42
C PHE B 198 13.08 -8.86 9.40
N GLY B 199 14.00 -9.65 9.98
CA GLY B 199 13.67 -10.77 10.86
C GLY B 199 13.81 -12.11 10.16
N LEU B 200 14.75 -12.95 10.65
CA LEU B 200 15.06 -14.25 10.12
C LEU B 200 14.73 -15.46 11.06
N GLY B 201 13.74 -15.33 11.94
CA GLY B 201 13.12 -16.52 12.55
C GLY B 201 12.37 -17.25 11.45
N GLY B 202 11.49 -18.16 11.83
CA GLY B 202 10.82 -19.10 10.92
C GLY B 202 9.99 -18.48 9.83
N VAL B 203 9.23 -17.44 10.20
CA VAL B 203 8.35 -16.81 9.22
C VAL B 203 9.23 -15.99 8.25
N GLY B 204 10.28 -15.34 8.75
CA GLY B 204 11.23 -14.64 7.89
C GLY B 204 11.94 -15.53 6.87
N LEU B 205 12.34 -16.70 7.32
CA LEU B 205 12.94 -17.68 6.41
C LEU B 205 11.95 -18.14 5.35
N SER B 206 10.71 -18.30 5.77
CA SER B 206 9.65 -18.62 4.82
C SER B 206 9.45 -17.52 3.74
N VAL B 207 9.64 -16.27 4.14
CA VAL B 207 9.60 -15.14 3.17
C VAL B 207 10.74 -15.32 2.16
N ILE B 208 11.93 -15.60 2.68
CA ILE B 208 13.12 -15.83 1.87
C ILE B 208 12.92 -16.95 0.86
N MET B 209 12.33 -18.07 1.31
CA MET B 209 11.96 -19.16 0.44
C MET B 209 10.96 -18.72 -0.64
N GLY B 210 10.02 -17.87 -0.27
CA GLY B 210 9.08 -17.28 -1.24
C GLY B 210 9.80 -16.37 -2.24
N CYS B 211 10.68 -15.51 -1.76
CA CYS B 211 11.40 -14.59 -2.67
C CYS B 211 12.18 -15.37 -3.74
N LYS B 212 12.84 -16.47 -3.31
CA LYS B 212 13.58 -17.39 -4.18
C LYS B 212 12.70 -18.19 -5.08
N ALA B 213 11.57 -18.65 -4.59
CA ALA B 213 10.61 -19.27 -5.47
C ALA B 213 10.14 -18.31 -6.60
N ALA B 214 10.08 -17.01 -6.28
CA ALA B 214 9.59 -16.01 -7.22
C ALA B 214 10.69 -15.53 -8.13
N GLY B 215 11.93 -15.91 -7.83
CA GLY B 215 13.04 -15.69 -8.74
C GLY B 215 13.80 -14.40 -8.52
N ALA B 216 13.84 -13.91 -7.27
CA ALA B 216 14.59 -12.73 -6.90
C ALA B 216 16.05 -12.94 -7.23
N ALA B 217 16.73 -11.88 -7.64
CA ALA B 217 18.20 -11.93 -7.79
C ALA B 217 18.91 -11.66 -6.48
N ARG B 218 18.31 -10.83 -5.64
CA ARG B 218 18.94 -10.45 -4.37
C ARG B 218 17.91 -10.59 -3.27
N ILE B 219 18.36 -11.28 -2.21
CA ILE B 219 17.60 -11.46 -0.98
C ILE B 219 18.47 -11.09 0.20
N ILE B 220 18.22 -9.90 0.73
CA ILE B 220 19.00 -9.37 1.80
C ILE B 220 18.29 -9.67 3.12
N GLY B 221 18.89 -10.56 3.91
CA GLY B 221 18.42 -10.84 5.27
C GLY B 221 18.88 -9.78 6.22
N VAL B 222 18.03 -9.35 7.15
CA VAL B 222 18.45 -8.36 8.16
C VAL B 222 18.01 -8.82 9.56
N ASP B 223 18.97 -9.03 10.47
CA ASP B 223 18.68 -9.38 11.86
C ASP B 223 19.80 -8.91 12.75
N ILE B 224 19.50 -8.56 13.99
CA ILE B 224 20.54 -8.25 14.95
C ILE B 224 21.26 -9.49 15.51
N ASN B 225 20.66 -10.66 15.34
CA ASN B 225 21.22 -11.91 15.79
C ASN B 225 21.86 -12.63 14.59
N LYS B 226 23.17 -12.44 14.46
CA LYS B 226 23.97 -13.02 13.36
C LYS B 226 23.97 -14.54 13.31
N ASP B 227 23.65 -15.20 14.43
CA ASP B 227 23.50 -16.66 14.46
C ASP B 227 22.41 -17.13 13.53
N LYS B 228 21.43 -16.25 13.23
CA LYS B 228 20.37 -16.55 12.26
C LYS B 228 20.83 -16.50 10.79
N PHE B 229 22.06 -16.05 10.48
CA PHE B 229 22.45 -15.82 9.07
C PHE B 229 22.64 -17.10 8.21
N ALA B 230 23.33 -18.13 8.74
CA ALA B 230 23.62 -19.35 7.97
C ALA B 230 22.39 -20.00 7.44
N LYS B 231 21.41 -20.20 8.30
CA LYS B 231 20.13 -20.78 7.86
C LYS B 231 19.44 -19.86 6.81
N ALA B 232 19.56 -18.54 7.03
CA ALA B 232 19.01 -17.55 6.08
C ALA B 232 19.60 -17.77 4.71
N LYS B 233 20.93 -17.85 4.67
CA LYS B 233 21.63 -18.05 3.42
C LYS B 233 21.27 -19.41 2.87
N GLU B 234 21.25 -20.41 3.73
CA GLU B 234 20.96 -21.77 3.26
C GLU B 234 19.58 -21.87 2.57
N VAL B 235 18.56 -21.12 3.01
CA VAL B 235 17.27 -21.17 2.30
C VAL B 235 17.09 -20.13 1.17
N GLY B 236 18.08 -19.27 0.96
CA GLY B 236 18.07 -18.43 -0.26
C GLY B 236 18.62 -17.03 -0.19
N ALA B 237 18.90 -16.56 1.02
CA ALA B 237 19.41 -15.22 1.22
C ALA B 237 20.79 -15.06 0.56
N THR B 238 20.98 -13.96 -0.18
CA THR B 238 22.22 -13.69 -0.87
C THR B 238 23.18 -12.96 0.04
N GLU B 239 22.68 -12.21 1.01
CA GLU B 239 23.55 -11.45 1.93
C GLU B 239 22.77 -11.32 3.21
N CYS B 240 23.47 -11.12 4.31
CA CYS B 240 22.88 -10.75 5.56
C CYS B 240 23.50 -9.50 6.15
N VAL B 241 22.67 -8.69 6.79
CA VAL B 241 23.09 -7.45 7.32
C VAL B 241 22.68 -7.40 8.80
N ASN B 242 23.60 -7.08 9.69
CA ASN B 242 23.23 -6.82 11.08
C ASN B 242 23.35 -5.35 11.39
N PRO B 243 22.23 -4.67 11.65
CA PRO B 243 22.29 -3.22 11.82
C PRO B 243 23.34 -2.74 12.82
N GLN B 244 23.57 -3.54 13.85
CA GLN B 244 24.47 -3.17 14.93
C GLN B 244 25.93 -3.13 14.53
N ASP B 245 26.27 -3.74 13.40
CA ASP B 245 27.56 -3.56 12.75
C ASP B 245 27.76 -2.16 12.11
N TYR B 246 26.69 -1.38 11.92
CA TYR B 246 26.74 -0.13 11.15
C TYR B 246 26.64 1.10 12.00
N LYS B 247 27.17 2.20 11.46
CA LYS B 247 27.12 3.48 12.14
C LYS B 247 26.02 4.40 11.64
N LYS B 248 25.41 4.02 10.54
CA LYS B 248 24.44 4.86 9.87
C LYS B 248 23.13 4.11 9.99
N PRO B 249 21.98 4.78 9.73
CA PRO B 249 20.67 4.08 9.76
C PRO B 249 20.60 2.97 8.71
N ILE B 250 20.00 1.87 9.09
CA ILE B 250 19.91 0.71 8.24
C ILE B 250 19.16 0.89 6.90
N GLN B 251 18.17 1.78 6.82
CA GLN B 251 17.59 2.04 5.51
C GLN B 251 18.57 2.80 4.57
N GLU B 252 19.41 3.68 5.09
CA GLU B 252 20.51 4.28 4.27
C GLU B 252 21.45 3.21 3.69
N VAL B 253 21.90 2.30 4.55
CA VAL B 253 22.76 1.16 4.14
C VAL B 253 22.04 0.35 3.05
N LEU B 254 20.74 0.11 3.23
CA LEU B 254 20.00 -0.74 2.30
C LEU B 254 19.70 -0.02 1.01
N THR B 255 19.44 1.26 1.10
CA THR B 255 19.25 2.08 -0.10
C THR B 255 20.53 2.13 -0.91
N GLU B 256 21.66 2.38 -0.25
CA GLU B 256 22.96 2.34 -0.94
C GLU B 256 23.28 0.98 -1.51
N MET B 257 23.07 -0.08 -0.73
CA MET B 257 23.32 -1.43 -1.27
C MET B 257 22.48 -1.76 -2.48
N SER B 258 21.29 -1.22 -2.57
CA SER B 258 20.39 -1.61 -3.67
C SER B 258 20.38 -0.58 -4.80
N ASN B 259 21.34 0.36 -4.77
CA ASN B 259 21.39 1.45 -5.75
C ASN B 259 20.04 2.22 -5.81
N GLY B 260 19.60 2.71 -4.66
CA GLY B 260 18.49 3.64 -4.60
C GLY B 260 17.18 3.02 -4.16
N GLY B 261 17.26 1.85 -3.50
CA GLY B 261 16.15 1.26 -2.80
C GLY B 261 15.79 -0.10 -3.34
N VAL B 262 15.26 -0.97 -2.48
CA VAL B 262 14.86 -2.34 -2.86
C VAL B 262 13.51 -2.34 -3.56
N ASP B 263 13.26 -3.38 -4.35
CA ASP B 263 11.93 -3.61 -4.94
C ASP B 263 10.84 -4.02 -3.91
N PHE B 264 11.21 -4.96 -3.04
CA PHE B 264 10.28 -5.52 -2.04
C PHE B 264 10.92 -5.67 -0.71
N SER B 265 10.26 -5.20 0.33
CA SER B 265 10.74 -5.31 1.68
C SER B 265 9.65 -5.90 2.61
N PHE B 266 10.10 -6.56 3.68
CA PHE B 266 9.21 -7.33 4.53
C PHE B 266 9.62 -7.16 5.96
N GLU B 267 8.65 -6.77 6.77
CA GLU B 267 8.86 -6.64 8.17
C GLU B 267 8.21 -7.87 8.80
N VAL B 268 9.04 -8.74 9.33
CA VAL B 268 8.56 -10.01 9.83
C VAL B 268 8.58 -10.12 11.35
N ILE B 269 9.25 -9.21 12.05
CA ILE B 269 9.45 -9.31 13.52
C ILE B 269 8.31 -8.67 14.30
N GLY B 270 7.54 -7.79 13.64
CA GLY B 270 6.49 -7.02 14.27
C GLY B 270 6.96 -5.90 15.20
N ARG B 271 7.91 -5.08 14.78
CA ARG B 271 8.27 -3.94 15.59
C ARG B 271 8.04 -2.65 14.79
N LEU B 272 7.61 -1.61 15.49
CA LEU B 272 7.14 -0.38 14.86
C LEU B 272 8.22 0.42 14.13
N ASP B 273 9.38 0.49 14.75
CA ASP B 273 10.54 1.14 14.15
C ASP B 273 10.99 0.45 12.85
N THR B 274 11.03 -0.89 12.84
CA THR B 274 11.43 -1.65 11.66
C THR B 274 10.40 -1.58 10.53
N MET B 275 9.13 -1.35 10.88
CA MET B 275 8.08 -1.18 9.89
C MET B 275 8.36 0.00 9.00
N VAL B 276 8.72 1.11 9.61
CA VAL B 276 8.95 2.36 8.91
C VAL B 276 10.22 2.31 8.09
N THR B 277 11.25 1.73 8.72
CA THR B 277 12.54 1.42 8.11
C THR B 277 12.35 0.56 6.87
N ALA B 278 11.63 -0.53 7.02
CA ALA B 278 11.30 -1.43 5.91
C ALA B 278 10.66 -0.70 4.73
N LEU B 279 9.68 0.14 5.05
CA LEU B 279 9.00 0.94 4.05
C LEU B 279 9.98 1.89 3.37
N SER B 280 10.77 2.53 4.19
CA SER B 280 11.65 3.57 3.74
C SER B 280 12.70 3.07 2.73
N CYS B 281 13.29 1.92 3.04
CA CYS B 281 14.36 1.34 2.23
C CYS B 281 13.90 0.84 0.87
N CYS B 282 12.59 0.78 0.63
CA CYS B 282 12.08 0.36 -0.65
C CYS B 282 12.09 1.55 -1.60
N GLN B 283 12.17 1.26 -2.91
CA GLN B 283 12.47 2.26 -3.90
C GLN B 283 11.30 3.22 -3.92
N GLU B 284 11.61 4.52 -3.87
CA GLU B 284 10.61 5.57 -3.64
C GLU B 284 9.48 5.62 -4.64
N ALA B 285 9.75 5.26 -5.90
CA ALA B 285 8.76 5.30 -7.00
C ALA B 285 7.88 4.09 -7.24
N TYR B 286 8.46 2.90 -7.06
CA TYR B 286 7.74 1.64 -7.32
C TYR B 286 7.98 0.55 -6.24
N GLY B 287 8.75 0.83 -5.18
CA GLY B 287 8.90 -0.05 -4.01
C GLY B 287 7.60 -0.52 -3.38
N VAL B 288 7.61 -1.76 -2.92
CA VAL B 288 6.52 -2.38 -2.18
C VAL B 288 7.08 -2.92 -0.85
N SER B 289 6.43 -2.58 0.27
CA SER B 289 6.81 -3.04 1.60
C SER B 289 5.60 -3.75 2.25
N VAL B 290 5.85 -4.99 2.69
CA VAL B 290 4.80 -5.84 3.27
C VAL B 290 4.97 -6.08 4.78
N ILE B 291 3.90 -5.88 5.51
CA ILE B 291 3.89 -6.02 6.97
C ILE B 291 3.35 -7.45 7.24
N VAL B 292 4.13 -8.25 7.97
CA VAL B 292 3.73 -9.65 8.28
C VAL B 292 3.36 -9.85 9.78
N GLY B 293 4.03 -9.14 10.67
CA GLY B 293 3.89 -9.44 12.07
C GLY B 293 3.13 -8.46 12.93
N VAL B 294 2.68 -8.96 14.07
CA VAL B 294 1.81 -8.21 14.96
C VAL B 294 2.65 -7.47 15.95
N PRO B 295 2.36 -6.18 16.14
CA PRO B 295 3.13 -5.51 17.20
C PRO B 295 2.94 -6.14 18.65
N PRO B 296 3.95 -5.96 19.56
CA PRO B 296 3.91 -6.16 21.05
C PRO B 296 2.75 -5.50 21.79
N ASP B 297 2.06 -4.58 21.12
CA ASP B 297 0.60 -4.45 21.14
C ASP B 297 0.12 -3.02 21.19
N SER B 298 -0.78 -2.71 20.26
CA SER B 298 -1.20 -1.36 19.93
C SER B 298 0.05 -0.52 19.67
N GLN B 299 0.11 0.66 20.27
CA GLN B 299 0.99 1.73 19.85
C GLN B 299 0.82 1.97 18.35
N ASN B 300 0.48 3.22 18.07
CA ASN B 300 0.64 3.76 16.76
C ASN B 300 2.13 3.87 16.39
N LEU B 301 2.43 3.67 15.11
CA LEU B 301 3.72 4.11 14.60
C LEU B 301 3.55 5.54 14.13
N SER B 302 4.68 6.21 14.02
CA SER B 302 4.75 7.55 13.52
C SER B 302 5.46 7.46 12.19
N MET B 303 4.93 8.10 11.17
CA MET B 303 5.42 7.89 9.82
C MET B 303 5.13 9.14 8.98
N ASN B 304 6.05 9.49 8.06
CA ASN B 304 5.85 10.63 7.19
C ASN B 304 5.19 10.17 5.91
N PRO B 305 3.97 10.65 5.63
CA PRO B 305 3.27 10.18 4.43
C PRO B 305 3.94 10.54 3.10
N MET B 306 4.96 11.41 3.09
CA MET B 306 5.75 11.66 1.85
C MET B 306 6.49 10.44 1.32
N LEU B 307 6.82 9.50 2.22
CA LEU B 307 7.31 8.17 1.86
C LEU B 307 6.36 7.50 0.84
N LEU B 308 5.03 7.69 0.97
CA LEU B 308 4.11 7.10 0.03
C LEU B 308 3.80 7.92 -1.20
N LEU B 309 3.88 9.25 -1.08
CA LEU B 309 3.49 10.17 -2.19
C LEU B 309 4.38 10.00 -3.41
N SER B 310 5.64 9.57 -3.23
CA SER B 310 6.53 9.35 -4.36
C SER B 310 6.17 8.13 -5.18
N GLY B 311 5.36 7.21 -4.65
CA GLY B 311 4.97 6.02 -5.38
C GLY B 311 5.05 4.72 -4.58
N ARG B 312 5.64 4.70 -3.39
CA ARG B 312 5.61 3.49 -2.51
C ARG B 312 4.22 2.89 -2.26
N THR B 313 4.17 1.55 -2.17
CA THR B 313 3.01 0.82 -1.73
C THR B 313 3.36 0.13 -0.38
N TRP B 314 2.47 0.31 0.61
CA TRP B 314 2.53 -0.29 1.93
C TRP B 314 1.30 -1.17 2.15
N LYS B 315 1.55 -2.44 2.48
CA LYS B 315 0.46 -3.37 2.69
C LYS B 315 0.78 -4.44 3.71
N GLY B 316 -0.26 -5.01 4.29
CA GLY B 316 -0.15 -6.22 5.11
C GLY B 316 -1.11 -7.34 4.66
N ALA B 317 -1.02 -8.48 5.35
CA ALA B 317 -2.00 -9.56 5.21
C ALA B 317 -1.90 -10.56 6.40
N ILE B 318 -2.94 -11.39 6.49
CA ILE B 318 -2.98 -12.56 7.35
C ILE B 318 -2.90 -13.77 6.46
N PHE B 319 -2.17 -14.76 6.94
CA PHE B 319 -2.02 -16.07 6.30
C PHE B 319 -1.48 -15.99 4.89
N GLY B 320 -0.48 -15.13 4.75
CA GLY B 320 0.19 -14.83 3.53
C GLY B 320 -0.67 -14.39 2.37
N GLY B 321 -1.85 -13.85 2.66
CA GLY B 321 -2.79 -13.50 1.60
C GLY B 321 -3.47 -14.67 0.88
N PHE B 322 -3.26 -15.90 1.34
CA PHE B 322 -3.87 -17.08 0.71
C PHE B 322 -5.31 -17.31 1.10
N LYS B 323 -6.16 -17.58 0.11
CA LYS B 323 -7.54 -18.06 0.36
C LYS B 323 -7.33 -19.46 0.92
N SER B 324 -7.73 -19.65 2.17
CA SER B 324 -7.10 -20.71 3.00
C SER B 324 -7.44 -22.15 2.53
N LYS B 325 -8.74 -22.44 2.37
CA LYS B 325 -9.17 -23.77 1.93
C LYS B 325 -8.73 -24.13 0.50
N ASP B 326 -8.82 -23.17 -0.42
CA ASP B 326 -8.27 -23.34 -1.75
C ASP B 326 -6.79 -23.55 -1.74
N SER B 327 -6.06 -22.84 -0.89
CA SER B 327 -4.58 -22.83 -1.03
C SER B 327 -3.82 -23.94 -0.29
N VAL B 328 -4.27 -24.28 0.92
CA VAL B 328 -3.54 -25.24 1.77
C VAL B 328 -3.31 -26.58 1.05
N PRO B 329 -4.34 -27.13 0.39
CA PRO B 329 -4.08 -28.40 -0.31
C PRO B 329 -2.95 -28.30 -1.38
N LYS B 330 -2.90 -27.16 -2.11
CA LYS B 330 -1.94 -27.03 -3.21
C LYS B 330 -0.53 -26.84 -2.72
N LEU B 331 -0.41 -26.17 -1.56
CA LEU B 331 0.88 -25.99 -0.91
C LEU B 331 1.43 -27.33 -0.48
N VAL B 332 0.57 -28.22 0.01
CA VAL B 332 1.03 -29.56 0.37
C VAL B 332 1.38 -30.32 -0.91
N ALA B 333 0.50 -30.23 -1.91
CA ALA B 333 0.83 -30.79 -3.25
C ALA B 333 2.21 -30.38 -3.74
N ASP B 334 2.56 -29.10 -3.57
CA ASP B 334 3.89 -28.60 -3.95
C ASP B 334 5.03 -29.11 -3.09
N PHE B 335 4.81 -29.17 -1.77
CA PHE B 335 5.76 -29.79 -0.87
C PHE B 335 5.99 -31.25 -1.26
N MET B 336 4.92 -31.95 -1.58
CA MET B 336 5.01 -33.38 -1.98
C MET B 336 5.78 -33.46 -3.32
N ALA B 337 5.44 -32.54 -4.23
CA ALA B 337 6.15 -32.37 -5.51
C ALA B 337 7.63 -31.92 -5.40
N LYS B 338 8.09 -31.73 -4.16
CA LYS B 338 9.43 -31.25 -3.86
C LYS B 338 9.75 -29.79 -4.35
N LYS B 339 8.75 -28.98 -4.63
CA LYS B 339 8.99 -27.57 -5.00
C LYS B 339 9.54 -26.66 -3.89
N PHE B 340 9.53 -27.10 -2.62
CA PHE B 340 10.23 -26.40 -1.49
C PHE B 340 10.44 -27.34 -0.32
N ALA B 341 11.41 -27.02 0.55
CA ALA B 341 11.69 -27.82 1.76
C ALA B 341 11.16 -27.18 3.07
N LEU B 342 10.67 -28.02 3.97
CA LEU B 342 10.22 -27.59 5.29
C LEU B 342 11.20 -27.93 6.41
N ASP B 343 12.08 -28.90 6.21
CA ASP B 343 13.05 -29.25 7.26
C ASP B 343 13.94 -28.12 7.81
N PRO B 344 14.47 -27.21 6.95
CA PRO B 344 15.30 -26.13 7.48
C PRO B 344 14.59 -25.26 8.55
N LEU B 345 13.26 -25.24 8.57
CA LEU B 345 12.51 -24.51 9.60
C LEU B 345 12.45 -25.31 10.92
N ILE B 346 12.53 -26.64 10.84
CA ILE B 346 12.23 -27.46 12.00
C ILE B 346 13.47 -27.62 12.84
N THR B 347 13.48 -26.96 13.97
CA THR B 347 14.65 -26.86 14.74
C THR B 347 14.51 -27.75 16.02
N HIS B 348 13.30 -27.92 16.54
CA HIS B 348 13.05 -28.72 17.77
C HIS B 348 11.76 -29.55 17.59
N VAL B 349 11.75 -30.76 18.15
CA VAL B 349 10.56 -31.63 18.15
C VAL B 349 10.43 -32.20 19.52
N LEU B 350 9.26 -32.02 20.11
CA LEU B 350 8.95 -32.39 21.48
C LEU B 350 7.60 -33.09 21.55
N PRO B 351 7.46 -34.04 22.52
CA PRO B 351 6.11 -34.55 22.72
C PRO B 351 5.20 -33.43 23.21
N PHE B 352 3.94 -33.52 22.82
CA PHE B 352 2.91 -32.57 23.23
C PHE B 352 2.98 -32.21 24.70
N GLU B 353 3.26 -33.19 25.57
CA GLU B 353 3.20 -32.92 27.00
C GLU B 353 4.32 -31.98 27.47
N LYS B 354 5.42 -31.85 26.73
CA LYS B 354 6.40 -30.79 27.01
C LYS B 354 6.08 -29.40 26.36
N ILE B 355 4.79 -29.08 26.22
CA ILE B 355 4.38 -27.82 25.60
C ILE B 355 5.07 -26.59 26.18
N ASN B 356 5.10 -26.54 27.50
CA ASN B 356 5.78 -25.43 28.17
C ASN B 356 7.22 -25.26 27.83
N GLU B 357 7.95 -26.35 27.67
CA GLU B 357 9.33 -26.32 27.19
C GLU B 357 9.46 -25.66 25.82
N GLY B 358 8.50 -25.99 24.95
CA GLY B 358 8.45 -25.43 23.60
C GLY B 358 8.25 -23.92 23.61
N PHE B 359 7.41 -23.46 24.53
CA PHE B 359 7.20 -22.01 24.65
C PHE B 359 8.44 -21.26 25.18
N ASP B 360 9.14 -21.90 26.12
CA ASP B 360 10.43 -21.37 26.62
C ASP B 360 11.44 -21.22 25.49
N LEU B 361 11.54 -22.24 24.63
CA LEU B 361 12.43 -22.18 23.43
C LEU B 361 12.04 -21.07 22.45
N LEU B 362 10.75 -20.85 22.26
CA LEU B 362 10.25 -19.76 21.44
C LEU B 362 10.68 -18.41 22.04
N ARG B 363 10.32 -18.20 23.31
CA ARG B 363 10.55 -16.95 24.04
C ARG B 363 12.01 -16.54 24.23
N SER B 364 12.88 -17.54 24.42
CA SER B 364 14.32 -17.33 24.49
C SER B 364 14.92 -17.03 23.12
N GLY B 365 14.23 -17.40 22.04
CA GLY B 365 14.80 -17.30 20.69
C GLY B 365 15.78 -18.41 20.31
N GLU B 366 15.85 -19.51 21.06
CA GLU B 366 16.66 -20.68 20.65
C GLU B 366 16.01 -21.48 19.50
N SER B 367 14.70 -21.39 19.36
CA SER B 367 13.98 -22.11 18.35
C SER B 367 13.70 -21.29 17.07
N ILE B 368 13.90 -21.86 15.90
CA ILE B 368 13.18 -21.42 14.70
C ILE B 368 11.70 -21.89 14.77
N ARG B 369 11.50 -23.17 14.94
CA ARG B 369 10.17 -23.78 15.02
C ARG B 369 10.20 -25.11 15.78
N THR B 370 9.37 -25.19 16.82
CA THR B 370 9.15 -26.41 17.55
C THR B 370 7.84 -26.98 17.07
N ILE B 371 7.89 -28.23 16.66
CA ILE B 371 6.75 -29.10 16.42
C ILE B 371 6.48 -30.01 17.64
N LEU B 372 5.25 -29.97 18.16
CA LEU B 372 4.78 -30.88 19.19
C LEU B 372 4.10 -32.09 18.55
N THR B 373 4.39 -33.31 19.02
CA THR B 373 3.87 -34.58 18.41
C THR B 373 2.98 -35.29 19.43
N PHE B 374 1.82 -35.81 19.03
CA PHE B 374 0.83 -36.39 19.99
C PHE B 374 1.04 -37.88 20.19
ZN ZN C . 0.38 20.45 -9.18
ZN ZN D . 13.76 8.79 -15.97
N1 PHN E . 2.19 19.52 -8.10
C2 PHN E . 3.53 19.67 -8.36
C3 PHN E . 4.50 18.98 -7.67
C4 PHN E . 4.12 18.10 -6.66
C4A PHN E . 2.80 17.90 -6.39
C5 PHN E . 2.41 17.00 -5.43
C6 PHN E . 1.08 16.81 -5.11
C6A PHN E . 0.03 17.48 -5.76
C7 PHN E . -1.32 17.24 -5.45
C8 PHN E . -2.26 17.95 -6.14
C9 PHN E . -1.91 18.87 -7.17
N10 PHN E . -0.60 19.04 -7.50
C10 PHN E . 0.37 18.45 -6.83
C1A PHN E . 1.79 18.65 -7.16
ZN ZN F . 0.35 -18.00 13.39
ZN ZN G . -15.93 -15.84 3.87
N1 PHN H . -1.22 -16.41 13.59
C2 PHN H . -2.51 -16.56 13.95
C3 PHN H . -3.38 -15.49 13.94
C4 PHN H . -2.95 -14.23 13.58
C4A PHN H . -1.67 -14.04 13.17
C5 PHN H . -1.24 -12.80 12.76
C6 PHN H . 0.05 -12.57 12.34
C6A PHN H . 0.99 -13.60 12.30
C7 PHN H . 2.29 -13.37 11.87
C8 PHN H . 3.20 -14.42 11.89
C9 PHN H . 2.79 -15.70 12.30
N10 PHN H . 1.54 -15.92 12.71
C10 PHN H . 0.61 -14.96 12.73
C1A PHN H . -0.77 -15.20 13.17
#